data_9LIG
#
_entry.id   9LIG
#
_cell.length_a   1.00
_cell.length_b   1.00
_cell.length_c   1.00
_cell.angle_alpha   90.00
_cell.angle_beta   90.00
_cell.angle_gamma   90.00
#
_symmetry.space_group_name_H-M   'P 1'
#
loop_
_entity.id
_entity.type
_entity.pdbx_description
1 polymer 'Succinate dehydrogenase [ubiquinone] flavoprotein subunit, mitochondrial'
2 polymer 'Succinate dehydrogenase [ubiquinone] iron-sulfur subunit, mitochondrial'
3 polymer Sdh3p
4 polymer 'Succinate dehydrogenase [ubiquinone] cytochrome b small subunit, mitochondrial'
5 non-polymer 'FLAVIN-ADENINE DINUCLEOTIDE'
6 non-polymer 'FE2/S2 (INORGANIC) CLUSTER'
7 non-polymer 'IRON/SULFUR CLUSTER'
8 non-polymer 'FE3-S4 CLUSTER'
9 non-polymer 3-[bis(fluoranyl)methyl]-~{N}-cyclopropyl-~{N}-[2-(2,4-dichlorophenyl)prop-2-enyl]-5-fluoranyl-1-methyl-pyrazole-4-carboxamide
10 non-polymer 1,2-dioleoyl-sn-glycero-3-phosphoethanolamine
#
loop_
_entity_poly.entity_id
_entity_poly.type
_entity_poly.pdbx_seq_one_letter_code
_entity_poly.pdbx_strand_id
1 'polypeptide(L)'
;KYHIIDHEYDCVVIGAGGAGLRAAFGLAEAGYKTACISKLFPTRSHTVAAQGGINAALGNMHKDNWKWHMYDTVKGSDWL
GDQDSIHYMTREAPKSIIELEHYGVPFSRTENGKIYQRAFGGQTKEYGKGAQAYRTCAVADRTGHALLHTLYGQALRHDT
HFFIEYFALDLLTHNGEVVGVIAYNQEDGTIHRFRAHKTIIATGGYGRAYFSCTSAHTCTGDGNAMVSRAGFPLQDLEFV
QFHPSGIYGSGCLITEGARGEGGFLVNSEGERFMERYAPTAKDLACRDVVSRAITMEIREGRGVGKKKDHMYLQLSHLPP
EVLKERLPGISETAAIFAGVDVTKEPIPIIPTVHYNMGGIPTKWNGEALTIDEETGEDKVIPGLMACGEAACVSVHGANR
LGANSLLDLVVFGRAVAHTVADTLQPGLPHKPLPSDLGKESIANLDKLRNANGSRSTAEIRMNMKQTMQKDVSVFRTQSS
LDEGVRNITAVEKTFDDVKTTDRSMIWNSDLVETLELQNLLTCASQTAVSAANRKESRGAHAREDYPNRDDEHWMKHTLS
WQKDVAAPVTLKYRRVIDHTLDEKECPSVPPT
;
A
2 'polypeptide(L)'
;TPRLKTFKVYRWNPDEPSAKPHLQSYQVDLNDCGPMVLDALLKIKDEQDSTLTFRRSCREGICGSCAMNIGGRNTLACIC
KIDQNESKQLKIYPLPHMFIVKDLVPDLTNFYQQYKSIQPYLQRSSFPKDGTEVLQSIEDRKKLDGLYECILCACCSTSC
PSYWWNQEQYLGPAVLMQAYRWLIDSRDQATKTRKAMLNNSMSLYRCHTIMNCTRTCPKGLNPGLAIAEIKKSLA
;
B
3 'polypeptide(L)'
;MNTKAAIAEEQILNKQRARRPISPHLTIYQPQLTWYLSSFHRISLVLMGLGFYLFTILFGVSGLLGLGLTTEKVSNWYHQ
KFSKITEWSIKGSFAYLFAIHYGGAIRHLIWDTAKELTLKGVYRTGYALIGFTAVLGTYLLTL
;
C
4 'polypeptide(L)'
;LPVLPQKPGGVRGTPNDAYVPPPENKLEGSYHWYMEKIFALSVVPLATTAMLTTGPLSTAADSFFSVMLLGYCYMEFNSC
ITDYISGRVYGVWHKYAMYMLGLGSAVSLFGIYKLETENDGVVGLVKSLWD
;
D
#
loop_
_chem_comp.id
_chem_comp.type
_chem_comp.name
_chem_comp.formula
A1EKV non-polymer 3-[bis(fluoranyl)methyl]-~{N}-cyclopropyl-~{N}-[2-(2,4-dichlorophenyl)prop-2-enyl]-5-fluoranyl-1-methyl-pyrazole-4-carboxamide 'C18 H16 Cl2 F3 N3 O'
F3S non-polymer 'FE3-S4 CLUSTER' 'Fe3 S4'
FAD non-polymer 'FLAVIN-ADENINE DINUCLEOTIDE' 'C27 H33 N9 O15 P2'
FES non-polymer 'FE2/S2 (INORGANIC) CLUSTER' 'Fe2 S2'
PEE non-polymer 1,2-dioleoyl-sn-glycero-3-phosphoethanolamine 'C41 H78 N O8 P'
SF4 non-polymer 'IRON/SULFUR CLUSTER' 'Fe4 S4'
#
# COMPACT_ATOMS: atom_id res chain seq x y z
N LYS A 1 34.47 14.34 2.59
CA LYS A 1 33.30 14.51 1.75
C LYS A 1 32.10 13.74 2.29
N TYR A 2 32.36 12.58 2.87
CA TYR A 2 31.33 11.75 3.47
C TYR A 2 31.44 11.75 4.99
N HIS A 3 30.32 11.52 5.65
CA HIS A 3 30.29 11.33 7.10
C HIS A 3 29.44 10.12 7.43
N ILE A 4 29.97 9.26 8.28
CA ILE A 4 29.43 7.93 8.54
C ILE A 4 28.87 7.91 9.96
N ILE A 5 27.74 7.24 10.13
CA ILE A 5 27.03 7.13 11.41
C ILE A 5 27.05 5.67 11.85
N ASP A 6 27.37 5.43 13.12
CA ASP A 6 27.55 4.09 13.64
C ASP A 6 26.42 3.67 14.57
N HIS A 7 25.77 2.57 14.24
CA HIS A 7 24.79 1.94 15.12
C HIS A 7 25.37 0.64 15.66
N GLU A 8 24.62 0.01 16.56
CA GLU A 8 25.10 -1.20 17.22
C GLU A 8 23.87 -1.96 17.73
N TYR A 9 23.65 -3.15 17.20
CA TYR A 9 22.47 -3.93 17.52
C TYR A 9 22.86 -5.35 17.85
N ASP A 10 21.89 -6.26 17.95
CA ASP A 10 22.17 -7.67 18.10
C ASP A 10 21.95 -8.45 16.80
N CYS A 11 20.77 -8.29 16.20
CA CYS A 11 20.43 -8.95 14.94
C CYS A 11 19.94 -7.90 13.97
N VAL A 12 20.33 -8.03 12.71
CA VAL A 12 19.91 -7.11 11.66
C VAL A 12 19.24 -7.93 10.57
N VAL A 13 18.02 -7.52 10.21
CA VAL A 13 17.25 -8.18 9.16
C VAL A 13 17.14 -7.23 7.98
N ILE A 14 17.47 -7.72 6.79
CA ILE A 14 17.53 -6.91 5.59
C ILE A 14 16.36 -7.29 4.70
N GLY A 15 15.29 -6.50 4.74
CA GLY A 15 14.10 -6.81 4.00
C GLY A 15 12.88 -6.85 4.87
N ALA A 16 11.73 -6.49 4.32
CA ALA A 16 10.47 -6.42 5.06
C ALA A 16 9.36 -7.08 4.27
N GLY A 17 9.61 -8.26 3.74
CA GLY A 17 8.59 -8.96 3.01
C GLY A 17 7.72 -9.80 3.92
N GLY A 18 7.46 -11.04 3.54
CA GLY A 18 6.72 -11.93 4.40
C GLY A 18 7.63 -12.76 5.25
N ALA A 19 8.88 -12.91 4.80
CA ALA A 19 9.89 -13.66 5.54
C ALA A 19 10.70 -12.77 6.46
N GLY A 20 10.97 -11.54 6.05
CA GLY A 20 11.72 -10.64 6.90
C GLY A 20 10.87 -10.00 7.98
N LEU A 21 9.56 -10.07 7.84
CA LEU A 21 8.69 -9.55 8.89
C LEU A 21 8.37 -10.61 9.94
N ARG A 22 8.20 -11.86 9.52
CA ARG A 22 7.94 -12.95 10.46
C ARG A 22 9.16 -13.23 11.33
N ALA A 23 10.36 -13.12 10.77
CA ALA A 23 11.57 -13.31 11.54
C ALA A 23 11.93 -12.10 12.38
N ALA A 24 11.33 -10.94 12.13
CA ALA A 24 11.68 -9.73 12.86
C ALA A 24 11.05 -9.71 14.24
N PHE A 25 9.73 -9.92 14.33
CA PHE A 25 9.10 -9.94 15.63
C PHE A 25 9.21 -11.30 16.31
N GLY A 26 9.68 -12.32 15.61
CA GLY A 26 10.00 -13.57 16.29
C GLY A 26 11.25 -13.46 17.12
N LEU A 27 12.13 -12.52 16.78
CA LEU A 27 13.34 -12.27 17.54
C LEU A 27 13.14 -11.19 18.60
N ALA A 28 12.17 -10.29 18.41
CA ALA A 28 11.91 -9.24 19.37
C ALA A 28 10.92 -9.66 20.45
N GLU A 29 10.26 -10.80 20.28
CA GLU A 29 9.44 -11.38 21.34
C GLU A 29 10.25 -12.31 22.24
N ALA A 30 11.55 -12.44 21.97
CA ALA A 30 12.43 -13.29 22.75
C ALA A 30 13.46 -12.52 23.55
N GLY A 31 13.44 -11.18 23.51
CA GLY A 31 14.35 -10.37 24.28
C GLY A 31 15.55 -9.84 23.54
N TYR A 32 15.50 -9.76 22.22
CA TYR A 32 16.65 -9.30 21.46
C TYR A 32 16.38 -7.92 20.86
N LYS A 33 17.47 -7.23 20.52
CA LYS A 33 17.41 -5.89 19.93
C LYS A 33 17.54 -6.03 18.41
N THR A 34 16.43 -5.94 17.71
CA THR A 34 16.37 -6.22 16.29
C THR A 34 16.18 -4.92 15.52
N ALA A 35 16.80 -4.82 14.35
CA ALA A 35 16.62 -3.70 13.43
C ALA A 35 16.24 -4.26 12.07
N CYS A 36 15.19 -3.71 11.46
CA CYS A 36 14.70 -4.15 10.17
C CYS A 36 14.97 -3.05 9.15
N ILE A 37 15.82 -3.35 8.17
CA ILE A 37 16.20 -2.37 7.15
C ILE A 37 15.43 -2.66 5.88
N SER A 38 14.65 -1.70 5.42
CA SER A 38 13.80 -1.89 4.25
C SER A 38 13.98 -0.74 3.29
N LYS A 39 13.82 -1.04 2.00
CA LYS A 39 13.93 -0.06 0.94
C LYS A 39 12.58 0.61 0.66
N LEU A 40 11.49 -0.13 0.81
CA LEU A 40 10.14 0.37 0.65
C LEU A 40 9.48 0.46 2.01
N PHE A 41 8.27 1.00 2.04
CA PHE A 41 7.39 0.77 3.17
C PHE A 41 7.03 -0.71 3.21
N PRO A 42 6.94 -1.32 4.41
CA PRO A 42 6.78 -2.77 4.49
C PRO A 42 5.50 -3.34 3.90
N THR A 43 4.47 -2.54 3.69
CA THR A 43 3.26 -3.07 3.06
C THR A 43 3.21 -2.75 1.57
N ARG A 44 4.37 -2.48 0.97
CA ARG A 44 4.48 -2.31 -0.47
C ARG A 44 5.43 -3.33 -1.10
N SER A 45 5.70 -4.44 -0.43
CA SER A 45 6.62 -5.45 -0.93
C SER A 45 5.93 -6.27 -2.01
N HIS A 46 6.68 -7.21 -2.65
CA HIS A 46 6.10 -7.94 -3.77
C HIS A 46 5.11 -9.01 -3.35
N THR A 47 5.19 -9.43 -2.06
CA THR A 47 4.26 -10.42 -1.53
C THR A 47 2.88 -9.86 -1.22
N VAL A 48 2.58 -8.62 -1.62
CA VAL A 48 1.21 -8.12 -1.58
C VAL A 48 0.44 -8.52 -2.83
N ALA A 49 1.11 -9.12 -3.81
CA ALA A 49 0.50 -9.44 -5.09
C ALA A 49 0.02 -10.88 -5.17
N ALA A 50 0.25 -11.68 -4.14
CA ALA A 50 -0.10 -13.09 -4.16
C ALA A 50 -1.61 -13.27 -4.07
N GLN A 51 -2.15 -14.22 -4.83
CA GLN A 51 -3.59 -14.42 -4.93
C GLN A 51 -4.03 -15.87 -4.76
N GLY A 52 -3.21 -16.72 -4.14
CA GLY A 52 -3.56 -18.11 -4.01
C GLY A 52 -3.99 -18.51 -2.62
N GLY A 53 -3.16 -19.26 -1.93
CA GLY A 53 -3.43 -19.66 -0.57
C GLY A 53 -2.20 -20.22 0.08
N ILE A 54 -2.38 -20.85 1.24
CA ILE A 54 -1.29 -21.47 1.99
C ILE A 54 -1.67 -22.91 2.25
N ASN A 55 -0.92 -23.85 1.67
CA ASN A 55 -1.22 -25.26 1.83
C ASN A 55 -0.96 -25.71 3.26
N ALA A 56 -1.93 -26.38 3.86
CA ALA A 56 -1.78 -26.93 5.20
C ALA A 56 -2.74 -28.10 5.37
N ALA A 57 -2.29 -29.13 6.06
CA ALA A 57 -3.08 -30.36 6.20
C ALA A 57 -3.96 -30.29 7.45
N LEU A 58 -4.90 -29.34 7.44
CA LEU A 58 -5.77 -29.15 8.60
C LEU A 58 -6.83 -30.25 8.66
N GLY A 59 -7.47 -30.56 7.54
CA GLY A 59 -8.44 -31.62 7.49
C GLY A 59 -9.76 -31.28 8.15
N ASN A 60 -10.41 -30.22 7.70
CA ASN A 60 -11.75 -29.88 8.18
C ASN A 60 -12.81 -29.90 7.10
N MET A 61 -12.47 -30.36 5.89
CA MET A 61 -13.45 -30.65 4.86
C MET A 61 -13.51 -32.12 4.50
N HIS A 62 -12.39 -32.83 4.60
CA HIS A 62 -12.37 -34.28 4.62
C HIS A 62 -11.26 -34.71 5.57
N LYS A 63 -10.92 -36.00 5.55
CA LYS A 63 -9.76 -36.45 6.31
C LYS A 63 -8.48 -36.04 5.59
N ASP A 64 -7.39 -35.92 6.35
CA ASP A 64 -6.12 -35.52 5.78
C ASP A 64 -4.98 -36.10 6.59
N ASN A 65 -3.77 -35.90 6.09
CA ASN A 65 -2.56 -36.42 6.70
C ASN A 65 -1.38 -35.60 6.19
N TRP A 66 -0.42 -35.32 7.08
CA TRP A 66 0.72 -34.50 6.68
C TRP A 66 1.73 -35.32 5.88
N LYS A 67 1.66 -36.65 5.96
CA LYS A 67 2.54 -37.47 5.15
C LYS A 67 2.08 -37.56 3.71
N TRP A 68 0.83 -37.21 3.43
CA TRP A 68 0.35 -37.12 2.06
C TRP A 68 0.83 -35.84 1.39
N HIS A 69 0.90 -34.75 2.15
CA HIS A 69 1.41 -33.48 1.65
C HIS A 69 2.90 -33.56 1.36
N MET A 70 3.64 -34.36 2.13
CA MET A 70 5.08 -34.48 1.93
C MET A 70 5.41 -35.23 0.64
N TYR A 71 4.60 -36.23 0.29
CA TYR A 71 4.83 -37.01 -0.93
C TYR A 71 4.63 -36.16 -2.18
N ASP A 72 3.78 -35.15 -2.12
CA ASP A 72 3.52 -34.33 -3.29
C ASP A 72 4.60 -33.27 -3.49
N THR A 73 5.22 -32.80 -2.40
CA THR A 73 6.31 -31.86 -2.53
C THR A 73 7.59 -32.56 -3.00
N VAL A 74 7.73 -33.84 -2.66
CA VAL A 74 8.94 -34.57 -3.04
C VAL A 74 8.87 -35.00 -4.49
N LYS A 75 7.73 -35.55 -4.92
CA LYS A 75 7.57 -36.01 -6.29
C LYS A 75 7.59 -34.85 -7.28
N GLY A 76 7.02 -33.71 -6.89
CA GLY A 76 6.91 -32.59 -7.81
C GLY A 76 8.18 -31.79 -8.01
N SER A 77 9.30 -32.21 -7.43
CA SER A 77 10.57 -31.53 -7.60
C SER A 77 11.57 -32.32 -8.43
N ASP A 78 11.14 -33.44 -9.03
CA ASP A 78 11.99 -34.39 -9.76
C ASP A 78 13.13 -34.92 -8.91
N TRP A 79 12.87 -35.09 -7.61
CA TRP A 79 13.79 -35.67 -6.62
C TRP A 79 15.13 -34.93 -6.54
N LEU A 80 15.08 -33.60 -6.56
CA LEU A 80 16.26 -32.80 -6.30
C LEU A 80 16.13 -31.99 -5.03
N GLY A 81 14.97 -32.02 -4.38
CA GLY A 81 14.81 -31.32 -3.12
C GLY A 81 15.46 -32.08 -1.97
N ASP A 82 15.77 -31.36 -0.91
CA ASP A 82 16.33 -31.96 0.30
C ASP A 82 15.21 -32.56 1.13
N GLN A 83 15.25 -33.87 1.35
CA GLN A 83 14.12 -34.56 1.97
C GLN A 83 14.07 -34.39 3.49
N ASP A 84 15.04 -33.73 4.11
CA ASP A 84 14.93 -33.42 5.53
C ASP A 84 14.33 -32.05 5.80
N SER A 85 14.13 -31.25 4.76
CA SER A 85 13.39 -30.00 4.88
C SER A 85 11.95 -30.13 4.42
N ILE A 86 11.63 -31.14 3.61
CA ILE A 86 10.24 -31.44 3.31
C ILE A 86 9.56 -32.04 4.52
N HIS A 87 10.28 -32.89 5.25
CA HIS A 87 9.74 -33.51 6.47
C HIS A 87 9.54 -32.48 7.56
N TYR A 88 10.33 -31.41 7.58
CA TYR A 88 10.16 -30.39 8.60
C TYR A 88 9.07 -29.40 8.23
N MET A 89 8.98 -29.03 6.96
CA MET A 89 8.00 -28.01 6.55
C MET A 89 6.58 -28.56 6.58
N THR A 90 6.37 -29.77 6.09
CA THR A 90 5.02 -30.31 6.01
C THR A 90 4.51 -30.84 7.35
N ARG A 91 5.37 -30.95 8.35
CA ARG A 91 4.92 -31.33 9.69
C ARG A 91 4.49 -30.12 10.49
N GLU A 92 5.24 -29.02 10.40
CA GLU A 92 4.96 -27.80 11.13
C GLU A 92 3.99 -26.88 10.42
N ALA A 93 3.37 -27.33 9.34
CA ALA A 93 2.44 -26.53 8.57
C ALA A 93 1.04 -26.39 9.19
N PRO A 94 0.42 -27.41 9.82
CA PRO A 94 -0.84 -27.11 10.52
C PRO A 94 -0.68 -26.24 11.75
N LYS A 95 0.46 -26.29 12.43
CA LYS A 95 0.65 -25.50 13.64
C LYS A 95 0.90 -24.03 13.34
N SER A 96 1.17 -23.67 12.10
CA SER A 96 1.53 -22.31 11.74
C SER A 96 0.44 -21.56 10.99
N ILE A 97 -0.65 -22.22 10.64
CA ILE A 97 -1.81 -21.57 10.06
C ILE A 97 -2.88 -21.31 11.11
N ILE A 98 -2.94 -22.14 12.15
CA ILE A 98 -3.79 -21.85 13.28
C ILE A 98 -3.18 -20.73 14.13
N GLU A 99 -1.85 -20.70 14.24
CA GLU A 99 -1.17 -19.61 14.95
C GLU A 99 -1.28 -18.30 14.19
N LEU A 100 -1.31 -18.36 12.87
CA LEU A 100 -1.46 -17.17 12.04
C LEU A 100 -2.86 -16.60 12.07
N GLU A 101 -3.86 -17.39 12.47
CA GLU A 101 -5.22 -16.90 12.61
C GLU A 101 -5.44 -16.16 13.91
N HIS A 102 -4.63 -16.43 14.93
CA HIS A 102 -4.75 -15.74 16.20
C HIS A 102 -4.16 -14.33 16.15
N TYR A 103 -3.55 -13.93 15.04
CA TYR A 103 -3.08 -12.57 14.86
C TYR A 103 -4.17 -11.66 14.32
N GLY A 104 -5.17 -12.23 13.64
CA GLY A 104 -6.26 -11.46 13.08
C GLY A 104 -6.33 -11.49 11.56
N VAL A 105 -5.89 -12.58 10.94
CA VAL A 105 -5.99 -12.72 9.49
C VAL A 105 -7.44 -13.06 9.14
N PRO A 106 -8.11 -12.27 8.30
CA PRO A 106 -9.53 -12.54 8.03
C PRO A 106 -9.73 -13.67 7.04
N PHE A 107 -9.59 -14.91 7.50
CA PHE A 107 -9.76 -16.10 6.68
C PHE A 107 -11.23 -16.25 6.29
N SER A 108 -11.46 -16.89 5.14
CA SER A 108 -12.81 -17.21 4.73
C SER A 108 -13.33 -18.39 5.53
N ARG A 109 -14.59 -18.30 5.93
CA ARG A 109 -15.17 -19.26 6.85
C ARG A 109 -16.05 -20.27 6.14
N THR A 110 -16.37 -21.33 6.87
CA THR A 110 -17.21 -22.45 6.47
C THR A 110 -18.41 -22.45 7.42
N GLU A 111 -19.51 -23.10 7.03
CA GLU A 111 -20.77 -23.04 7.78
C GLU A 111 -20.72 -23.80 9.12
N ASN A 112 -19.57 -24.29 9.55
CA ASN A 112 -19.36 -24.76 10.91
C ASN A 112 -18.62 -23.74 11.76
N GLY A 113 -17.99 -22.74 11.14
CA GLY A 113 -17.23 -21.74 11.86
C GLY A 113 -15.73 -21.90 11.70
N LYS A 114 -15.30 -22.65 10.68
CA LYS A 114 -13.92 -23.05 10.49
C LYS A 114 -13.40 -22.49 9.18
N ILE A 115 -12.09 -22.58 8.97
CA ILE A 115 -11.42 -22.00 7.82
C ILE A 115 -11.81 -22.75 6.55
N TYR A 116 -11.97 -22.02 5.46
CA TYR A 116 -12.36 -22.61 4.19
C TYR A 116 -11.14 -22.80 3.30
N GLN A 117 -11.07 -23.95 2.65
CA GLN A 117 -9.90 -24.33 1.87
C GLN A 117 -10.32 -24.97 0.55
N ARG A 118 -9.59 -24.61 -0.51
CA ARG A 118 -9.95 -24.95 -1.88
C ARG A 118 -8.89 -25.86 -2.50
N ALA A 119 -8.97 -26.12 -3.80
CA ALA A 119 -8.08 -27.08 -4.45
C ALA A 119 -7.19 -26.38 -5.46
N PHE A 120 -5.88 -26.59 -5.33
CA PHE A 120 -4.92 -26.27 -6.37
C PHE A 120 -4.50 -27.56 -7.08
N GLY A 121 -3.51 -27.47 -7.95
CA GLY A 121 -3.03 -28.63 -8.67
C GLY A 121 -1.81 -29.25 -8.05
N GLY A 122 -1.75 -30.57 -8.05
CA GLY A 122 -0.63 -31.27 -7.47
C GLY A 122 -1.00 -32.12 -6.27
N GLN A 123 -1.83 -31.56 -5.38
CA GLN A 123 -2.21 -32.28 -4.16
C GLN A 123 -3.28 -33.31 -4.48
N THR A 124 -2.88 -34.57 -4.54
CA THR A 124 -3.78 -35.71 -4.55
C THR A 124 -3.53 -36.51 -3.28
N LYS A 125 -4.57 -37.16 -2.77
CA LYS A 125 -4.43 -37.82 -1.48
C LYS A 125 -4.21 -39.32 -1.66
N GLU A 126 -3.90 -39.97 -0.52
CA GLU A 126 -3.58 -41.39 -0.39
C GLU A 126 -2.36 -41.75 -1.26
N TYR A 127 -1.27 -41.03 -0.97
CA TYR A 127 0.07 -41.30 -1.50
C TYR A 127 0.13 -41.27 -3.03
N GLY A 128 -0.42 -40.21 -3.60
CA GLY A 128 -0.34 -39.99 -5.03
C GLY A 128 -1.31 -40.78 -5.88
N LYS A 129 -2.18 -41.59 -5.27
CA LYS A 129 -3.19 -42.34 -6.00
C LYS A 129 -4.54 -42.13 -5.33
N GLY A 130 -5.32 -41.20 -5.86
CA GLY A 130 -6.60 -40.87 -5.28
C GLY A 130 -7.14 -39.60 -5.90
N ALA A 131 -8.29 -39.17 -5.39
CA ALA A 131 -8.94 -37.97 -5.91
C ALA A 131 -8.20 -36.72 -5.42
N GLN A 132 -8.57 -35.58 -5.99
CA GLN A 132 -7.92 -34.33 -5.64
C GLN A 132 -8.31 -33.88 -4.24
N ALA A 133 -7.32 -33.46 -3.46
CA ALA A 133 -7.55 -33.02 -2.09
C ALA A 133 -7.87 -31.54 -2.06
N TYR A 134 -8.35 -31.09 -0.91
CA TYR A 134 -8.78 -29.71 -0.69
C TYR A 134 -8.01 -29.16 0.51
N ARG A 135 -6.92 -28.46 0.24
CA ARG A 135 -6.16 -27.76 1.27
C ARG A 135 -5.44 -26.59 0.59
N THR A 136 -6.02 -25.40 0.68
CA THR A 136 -5.30 -24.23 0.20
C THR A 136 -5.45 -23.06 1.16
N CYS A 137 -6.54 -23.04 1.95
CA CYS A 137 -6.76 -22.12 3.06
C CYS A 137 -6.67 -20.65 2.63
N ALA A 138 -7.62 -20.26 1.79
CA ALA A 138 -7.51 -18.99 1.09
C ALA A 138 -8.43 -17.94 1.70
N VAL A 139 -7.93 -16.71 1.70
CA VAL A 139 -8.76 -15.50 1.76
C VAL A 139 -9.06 -15.29 0.28
N ALA A 140 -10.11 -14.52 -0.05
CA ALA A 140 -10.83 -14.63 -1.32
C ALA A 140 -9.94 -14.44 -2.54
N ASP A 141 -9.39 -13.25 -2.70
CA ASP A 141 -8.34 -13.05 -3.70
C ASP A 141 -7.18 -12.26 -3.14
N ARG A 142 -7.09 -12.10 -1.83
CA ARG A 142 -6.10 -11.22 -1.23
C ARG A 142 -5.37 -11.94 -0.12
N THR A 143 -4.89 -13.16 -0.40
CA THR A 143 -4.17 -13.91 0.61
C THR A 143 -2.80 -13.31 0.89
N GLY A 144 -2.14 -12.78 -0.14
CA GLY A 144 -0.88 -12.11 0.07
C GLY A 144 -1.04 -10.71 0.62
N HIS A 145 -2.15 -10.06 0.31
CA HIS A 145 -2.41 -8.70 0.80
C HIS A 145 -2.81 -8.69 2.26
N ALA A 146 -3.60 -9.67 2.71
CA ALA A 146 -4.04 -9.75 4.09
C ALA A 146 -3.03 -10.43 5.00
N LEU A 147 -1.92 -10.90 4.46
CA LEU A 147 -0.85 -11.48 5.25
C LEU A 147 0.29 -10.51 5.53
N LEU A 148 0.52 -9.53 4.66
CA LEU A 148 1.45 -8.45 5.02
C LEU A 148 0.83 -7.51 6.04
N HIS A 149 -0.42 -7.13 5.84
CA HIS A 149 -1.05 -6.13 6.69
C HIS A 149 -1.33 -6.64 8.10
N THR A 150 -1.29 -7.95 8.31
CA THR A 150 -1.40 -8.53 9.64
C THR A 150 -0.04 -8.74 10.28
N LEU A 151 0.96 -9.17 9.49
CA LEU A 151 2.30 -9.37 10.04
C LEU A 151 3.00 -8.04 10.30
N TYR A 152 2.60 -6.98 9.61
CA TYR A 152 3.18 -5.67 9.89
C TYR A 152 2.57 -5.06 11.14
N GLY A 153 1.27 -5.27 11.36
CA GLY A 153 0.64 -4.74 12.55
C GLY A 153 1.04 -5.45 13.83
N GLN A 154 1.54 -6.68 13.71
CA GLN A 154 2.05 -7.41 14.87
C GLN A 154 3.49 -7.04 15.18
N ALA A 155 4.21 -6.48 14.21
CA ALA A 155 5.56 -5.99 14.47
C ALA A 155 5.55 -4.68 15.24
N LEU A 156 4.43 -3.96 15.24
CA LEU A 156 4.27 -2.77 16.05
C LEU A 156 3.82 -3.07 17.47
N ARG A 157 3.40 -4.31 17.73
CA ARG A 157 3.01 -4.69 19.08
C ARG A 157 4.22 -4.83 19.98
N HIS A 158 5.31 -5.37 19.44
CA HIS A 158 6.61 -5.42 20.08
C HIS A 158 7.45 -4.20 19.65
N ASP A 159 8.74 -4.24 19.95
CA ASP A 159 9.63 -3.17 19.53
C ASP A 159 10.56 -3.67 18.42
N THR A 160 10.47 -3.03 17.26
CA THR A 160 11.31 -3.36 16.12
C THR A 160 11.61 -2.05 15.41
N HIS A 161 12.87 -1.63 15.43
CA HIS A 161 13.23 -0.33 14.88
C HIS A 161 13.30 -0.43 13.37
N PHE A 162 12.24 0.01 12.69
CA PHE A 162 12.21 0.00 11.25
C PHE A 162 13.01 1.17 10.70
N PHE A 163 13.93 0.86 9.79
CA PHE A 163 14.72 1.85 9.09
C PHE A 163 14.21 1.85 7.65
N ILE A 164 13.21 2.68 7.39
CA ILE A 164 12.46 2.66 6.14
C ILE A 164 13.16 3.56 5.13
N GLU A 165 13.24 3.07 3.88
CA GLU A 165 13.93 3.69 2.76
C GLU A 165 15.43 3.84 3.04
N TYR A 166 16.09 2.71 3.21
CA TYR A 166 17.54 2.60 3.25
C TYR A 166 17.96 1.60 2.18
N PHE A 167 19.02 1.89 1.45
CA PHE A 167 19.51 1.01 0.39
C PHE A 167 20.80 0.37 0.87
N ALA A 168 20.75 -0.92 1.18
CA ALA A 168 21.92 -1.64 1.66
C ALA A 168 22.92 -1.86 0.54
N LEU A 169 24.18 -1.54 0.79
CA LEU A 169 25.21 -1.57 -0.24
C LEU A 169 26.03 -2.85 -0.20
N ASP A 170 26.56 -3.25 0.96
CA ASP A 170 27.47 -4.39 1.06
C ASP A 170 27.46 -4.94 2.49
N LEU A 171 28.00 -6.15 2.64
CA LEU A 171 28.22 -6.77 3.94
C LEU A 171 29.60 -6.41 4.46
N LEU A 172 29.70 -6.07 5.74
CA LEU A 172 30.99 -5.95 6.38
C LEU A 172 31.49 -7.34 6.72
N THR A 173 32.77 -7.60 6.47
CA THR A 173 33.34 -8.94 6.65
C THR A 173 34.76 -8.80 7.19
N HIS A 174 35.03 -9.47 8.29
CA HIS A 174 36.36 -9.45 8.89
C HIS A 174 36.78 -10.88 9.17
N ASN A 175 37.75 -11.38 8.38
CA ASN A 175 38.44 -12.66 8.59
C ASN A 175 37.46 -13.84 8.52
N GLY A 176 36.72 -13.89 7.42
CA GLY A 176 35.87 -15.03 7.13
C GLY A 176 34.51 -15.03 7.80
N GLU A 177 34.16 -14.00 8.56
CA GLU A 177 32.86 -13.90 9.20
C GLU A 177 32.29 -12.51 8.97
N VAL A 178 30.97 -12.40 8.97
CA VAL A 178 30.33 -11.11 8.71
C VAL A 178 29.97 -10.44 10.02
N VAL A 179 30.02 -9.11 10.04
CA VAL A 179 29.85 -8.34 11.28
C VAL A 179 28.86 -7.19 11.10
N GLY A 180 28.07 -7.20 10.05
CA GLY A 180 27.06 -6.16 9.86
C GLY A 180 26.98 -5.77 8.40
N VAL A 181 26.27 -4.66 8.14
CA VAL A 181 26.07 -4.13 6.81
C VAL A 181 26.44 -2.66 6.77
N ILE A 182 26.24 -2.05 5.60
CA ILE A 182 26.43 -0.63 5.36
C ILE A 182 25.36 -0.17 4.37
N ALA A 183 24.68 0.93 4.72
CA ALA A 183 23.49 1.33 3.99
C ALA A 183 23.61 2.80 3.59
N TYR A 184 22.56 3.32 2.97
CA TYR A 184 22.57 4.66 2.41
C TYR A 184 21.17 5.24 2.53
N ASN A 185 21.02 6.27 3.36
CA ASN A 185 19.72 6.90 3.60
C ASN A 185 19.34 7.75 2.40
N GLN A 186 18.20 7.42 1.80
CA GLN A 186 17.77 8.10 0.58
C GLN A 186 17.23 9.50 0.85
N GLU A 187 16.51 9.70 1.95
CA GLU A 187 15.91 10.99 2.25
C GLU A 187 16.95 12.02 2.69
N ASP A 188 17.98 11.59 3.38
CA ASP A 188 18.94 12.48 4.01
C ASP A 188 20.26 12.53 3.27
N GLY A 189 20.79 11.39 2.84
CA GLY A 189 22.04 11.37 2.11
C GLY A 189 23.24 11.06 2.97
N THR A 190 23.08 10.10 3.88
CA THR A 190 24.12 9.74 4.83
C THR A 190 24.50 8.28 4.62
N ILE A 191 25.65 7.91 5.17
CA ILE A 191 26.11 6.52 5.15
C ILE A 191 26.05 6.00 6.58
N HIS A 192 25.44 4.83 6.77
CA HIS A 192 25.23 4.25 8.09
C HIS A 192 25.94 2.91 8.19
N ARG A 193 26.64 2.69 9.30
CA ARG A 193 27.27 1.42 9.58
C ARG A 193 26.52 0.72 10.70
N PHE A 194 26.00 -0.47 10.41
CA PHE A 194 25.32 -1.28 11.41
C PHE A 194 26.27 -2.40 11.81
N ARG A 195 26.26 -2.76 13.09
CA ARG A 195 27.08 -3.85 13.60
C ARG A 195 26.18 -4.80 14.36
N ALA A 196 26.36 -6.09 14.16
CA ALA A 196 25.50 -7.10 14.74
C ALA A 196 26.30 -8.36 14.98
N HIS A 197 25.61 -9.39 15.48
CA HIS A 197 26.19 -10.70 15.67
C HIS A 197 25.70 -11.71 14.65
N LYS A 198 24.40 -11.67 14.31
CA LYS A 198 23.83 -12.47 13.24
C LYS A 198 23.06 -11.52 12.33
N THR A 199 23.42 -11.49 11.05
CA THR A 199 22.67 -10.70 10.08
C THR A 199 21.91 -11.62 9.14
N ILE A 200 20.66 -11.28 8.89
CA ILE A 200 19.69 -12.16 8.25
C ILE A 200 19.24 -11.50 6.95
N ILE A 201 19.41 -12.21 5.84
CA ILE A 201 19.13 -11.67 4.52
C ILE A 201 17.82 -12.23 4.01
N ALA A 202 16.84 -11.37 3.81
CA ALA A 202 15.51 -11.75 3.34
C ALA A 202 15.04 -10.79 2.26
N THR A 203 15.91 -10.51 1.28
CA THR A 203 15.63 -9.48 0.28
C THR A 203 14.60 -9.95 -0.73
N GLY A 204 14.83 -11.06 -1.40
CA GLY A 204 13.87 -11.56 -2.36
C GLY A 204 14.56 -12.06 -3.61
N GLY A 205 13.76 -12.25 -4.65
CA GLY A 205 14.26 -12.81 -5.89
C GLY A 205 14.64 -11.77 -6.91
N TYR A 206 15.31 -12.25 -7.96
CA TYR A 206 15.68 -11.44 -9.12
C TYR A 206 14.80 -11.90 -10.28
N GLY A 207 14.06 -10.96 -10.85
CA GLY A 207 13.20 -11.32 -11.96
C GLY A 207 13.27 -10.33 -13.08
N ARG A 208 13.90 -9.19 -12.82
CA ARG A 208 13.98 -8.09 -13.77
C ARG A 208 15.22 -8.18 -14.65
N ALA A 209 15.91 -9.32 -14.64
CA ALA A 209 16.97 -9.56 -15.60
C ALA A 209 16.45 -10.09 -16.92
N TYR A 210 15.15 -10.36 -17.02
CA TYR A 210 14.49 -10.81 -18.23
C TYR A 210 13.63 -9.69 -18.78
N PHE A 211 13.29 -9.80 -20.06
CA PHE A 211 12.50 -8.79 -20.74
C PHE A 211 11.07 -8.74 -20.24
N SER A 212 10.38 -9.88 -20.21
CA SER A 212 9.01 -9.98 -19.74
C SER A 212 8.98 -10.84 -18.48
N CYS A 213 8.46 -10.29 -17.40
CA CYS A 213 8.37 -10.98 -16.12
C CYS A 213 7.13 -10.53 -15.38
N THR A 214 6.69 -11.34 -14.42
CA THR A 214 5.55 -11.00 -13.59
C THR A 214 5.95 -10.25 -12.31
N SER A 215 7.23 -9.92 -12.16
CA SER A 215 7.72 -9.34 -10.92
C SER A 215 7.49 -7.83 -10.90
N ALA A 216 7.86 -7.23 -9.78
CA ALA A 216 7.72 -5.79 -9.57
C ALA A 216 8.84 -5.03 -10.30
N HIS A 217 8.88 -3.72 -10.08
CA HIS A 217 9.98 -2.93 -10.62
C HIS A 217 11.20 -2.98 -9.72
N THR A 218 11.02 -3.30 -8.44
CA THR A 218 12.09 -3.31 -7.46
C THR A 218 12.56 -4.73 -7.14
N CYS A 219 12.20 -5.71 -7.96
CA CYS A 219 12.65 -7.09 -7.79
C CYS A 219 13.96 -7.35 -8.50
N THR A 220 15.01 -6.69 -8.02
CA THR A 220 16.37 -6.97 -8.47
C THR A 220 17.06 -7.83 -7.43
N GLY A 221 18.13 -8.52 -7.83
CA GLY A 221 18.76 -9.40 -6.88
C GLY A 221 19.81 -8.68 -6.06
N ASP A 222 19.41 -8.22 -4.88
CA ASP A 222 20.26 -7.36 -4.08
C ASP A 222 20.93 -8.08 -2.92
N GLY A 223 20.37 -9.18 -2.45
CA GLY A 223 21.01 -9.95 -1.41
C GLY A 223 21.94 -10.98 -2.00
N ASN A 224 21.58 -11.48 -3.19
CA ASN A 224 22.44 -12.44 -3.88
C ASN A 224 23.72 -11.80 -4.40
N ALA A 225 23.71 -10.49 -4.64
CA ALA A 225 24.91 -9.82 -5.11
C ALA A 225 25.80 -9.34 -3.97
N MET A 226 25.21 -9.05 -2.81
CA MET A 226 26.01 -8.78 -1.62
C MET A 226 26.78 -10.01 -1.17
N VAL A 227 26.13 -11.17 -1.21
CA VAL A 227 26.75 -12.44 -0.83
C VAL A 227 27.81 -12.85 -1.83
N SER A 228 27.55 -12.68 -3.12
CA SER A 228 28.50 -13.12 -4.14
C SER A 228 29.71 -12.21 -4.22
N ARG A 229 29.59 -10.95 -3.78
CA ARG A 229 30.72 -10.04 -3.76
C ARG A 229 31.63 -10.23 -2.55
N ALA A 230 31.23 -11.05 -1.58
CA ALA A 230 32.03 -11.25 -0.39
C ALA A 230 32.87 -12.52 -0.48
N GLY A 231 32.61 -13.37 -1.46
CA GLY A 231 33.42 -14.56 -1.64
C GLY A 231 32.68 -15.84 -1.28
N PHE A 232 31.38 -15.80 -1.31
CA PHE A 232 30.50 -16.91 -0.97
C PHE A 232 29.73 -17.37 -2.20
N PRO A 233 29.31 -18.63 -2.29
CA PRO A 233 28.67 -19.12 -3.51
C PRO A 233 27.16 -18.95 -3.52
N LEU A 234 26.59 -19.09 -4.72
CA LEU A 234 25.15 -19.14 -4.93
C LEU A 234 24.79 -20.48 -5.57
N GLN A 235 23.58 -20.95 -5.32
CA GLN A 235 23.23 -22.34 -5.59
C GLN A 235 22.01 -22.45 -6.48
N ASP A 236 22.10 -23.33 -7.48
CA ASP A 236 20.98 -23.78 -8.33
C ASP A 236 20.31 -22.62 -9.06
N LEU A 237 21.13 -21.82 -9.72
CA LEU A 237 20.63 -20.61 -10.37
C LEU A 237 20.03 -20.87 -11.74
N GLU A 238 20.12 -22.09 -12.25
CA GLU A 238 19.67 -22.45 -13.59
C GLU A 238 18.18 -22.78 -13.67
N PHE A 239 17.50 -22.94 -12.54
CA PHE A 239 16.12 -23.40 -12.52
C PHE A 239 15.21 -22.19 -12.35
N VAL A 240 14.79 -21.60 -13.47
CA VAL A 240 13.87 -20.48 -13.49
C VAL A 240 12.52 -21.04 -13.91
N GLN A 241 11.44 -20.54 -13.32
CA GLN A 241 10.11 -21.08 -13.58
C GLN A 241 9.29 -20.12 -14.43
N PHE A 242 8.72 -20.65 -15.51
CA PHE A 242 7.94 -19.86 -16.46
C PHE A 242 6.46 -20.18 -16.25
N HIS A 243 5.72 -19.20 -15.73
CA HIS A 243 4.31 -19.40 -15.40
C HIS A 243 3.50 -19.61 -16.69
N PRO A 244 2.48 -20.48 -16.66
CA PRO A 244 1.71 -20.72 -17.89
C PRO A 244 0.83 -19.55 -18.28
N SER A 245 0.29 -18.81 -17.33
CA SER A 245 -0.63 -17.72 -17.63
C SER A 245 -0.03 -16.38 -17.24
N GLY A 246 -0.32 -15.37 -18.06
CA GLY A 246 0.25 -14.05 -17.90
C GLY A 246 -0.07 -13.18 -19.10
N ILE A 247 -0.32 -11.88 -18.87
CA ILE A 247 -0.92 -11.01 -19.89
C ILE A 247 0.07 -10.75 -21.01
N TYR A 248 -0.41 -10.93 -22.23
CA TYR A 248 0.32 -10.60 -23.45
C TYR A 248 0.69 -9.12 -23.47
N GLY A 249 1.96 -8.82 -23.67
CA GLY A 249 2.46 -7.46 -23.83
C GLY A 249 3.06 -6.75 -22.63
N SER A 250 2.46 -6.88 -21.46
CA SER A 250 2.97 -6.20 -20.25
C SER A 250 3.62 -7.18 -19.29
N GLY A 251 2.92 -8.27 -18.96
CA GLY A 251 3.47 -9.28 -18.09
C GLY A 251 2.63 -9.51 -16.86
N CYS A 252 1.48 -8.86 -16.78
CA CYS A 252 0.62 -8.97 -15.61
C CYS A 252 0.01 -10.36 -15.51
N LEU A 253 -0.39 -10.72 -14.30
CA LEU A 253 -0.70 -12.10 -13.96
C LEU A 253 -2.15 -12.24 -13.51
N ILE A 254 -2.82 -13.28 -14.02
CA ILE A 254 -4.03 -13.81 -13.42
C ILE A 254 -3.65 -15.08 -12.66
N THR A 255 -4.39 -15.36 -11.58
CA THR A 255 -3.98 -16.44 -10.69
C THR A 255 -4.33 -17.80 -11.27
N GLU A 256 -3.80 -18.84 -10.64
CA GLU A 256 -4.12 -20.21 -11.03
C GLU A 256 -5.35 -20.74 -10.31
N GLY A 257 -6.03 -19.90 -9.54
CA GLY A 257 -7.37 -20.25 -9.06
C GLY A 257 -8.44 -20.14 -10.13
N ALA A 258 -8.13 -19.52 -11.27
CA ALA A 258 -9.04 -19.48 -12.39
C ALA A 258 -9.16 -20.84 -13.08
N ARG A 259 -8.20 -21.74 -12.86
CA ARG A 259 -8.28 -23.10 -13.37
C ARG A 259 -8.59 -24.10 -12.28
N GLY A 260 -8.63 -23.67 -11.01
CA GLY A 260 -8.96 -24.60 -9.93
C GLY A 260 -10.43 -24.99 -9.94
N GLU A 261 -11.30 -24.02 -10.26
CA GLU A 261 -12.73 -24.29 -10.41
C GLU A 261 -13.16 -23.84 -11.80
N GLY A 262 -12.90 -24.69 -12.80
CA GLY A 262 -13.40 -24.46 -14.14
C GLY A 262 -12.46 -23.65 -15.00
N GLY A 263 -11.75 -24.29 -15.93
CA GLY A 263 -10.84 -23.53 -16.77
C GLY A 263 -10.36 -24.28 -18.00
N PHE A 264 -10.49 -23.65 -19.16
CA PHE A 264 -10.12 -24.25 -20.44
C PHE A 264 -9.21 -23.28 -21.18
N LEU A 265 -8.08 -23.78 -21.65
CA LEU A 265 -7.27 -23.02 -22.60
C LEU A 265 -7.66 -23.44 -24.01
N VAL A 266 -8.30 -22.54 -24.74
CA VAL A 266 -8.87 -22.84 -26.05
C VAL A 266 -8.01 -22.16 -27.11
N ASN A 267 -7.46 -22.96 -28.00
CA ASN A 267 -6.58 -22.48 -29.05
C ASN A 267 -7.40 -22.08 -30.28
N SER A 268 -6.74 -21.89 -31.41
CA SER A 268 -7.41 -21.46 -32.64
C SER A 268 -8.31 -22.54 -33.23
N GLU A 269 -8.06 -23.81 -32.97
CA GLU A 269 -8.92 -24.88 -33.44
C GLU A 269 -10.11 -25.11 -32.51
N GLY A 270 -9.95 -24.88 -31.22
CA GLY A 270 -11.04 -25.04 -30.27
C GLY A 270 -11.06 -26.38 -29.59
N GLU A 271 -9.93 -26.78 -29.01
CA GLU A 271 -9.78 -28.03 -28.30
C GLU A 271 -9.34 -27.72 -26.86
N ARG A 272 -9.40 -28.72 -25.99
CA ARG A 272 -8.86 -28.62 -24.64
C ARG A 272 -7.53 -29.38 -24.56
N PHE A 273 -6.55 -28.77 -23.92
CA PHE A 273 -5.21 -29.36 -23.79
C PHE A 273 -5.22 -30.43 -22.70
N MET A 274 -5.81 -31.57 -23.05
CA MET A 274 -5.93 -32.70 -22.14
C MET A 274 -5.20 -33.93 -22.64
N GLU A 275 -5.07 -34.09 -23.96
CA GLU A 275 -4.26 -35.17 -24.53
C GLU A 275 -3.86 -34.79 -25.95
N ARG A 276 -3.26 -35.77 -26.63
CA ARG A 276 -3.11 -35.96 -28.07
C ARG A 276 -2.05 -35.07 -28.71
N TYR A 277 -1.63 -33.98 -28.06
CA TYR A 277 -0.43 -33.33 -28.61
C TYR A 277 0.68 -33.16 -27.57
N ALA A 278 0.46 -32.16 -26.69
CA ALA A 278 1.43 -31.82 -25.64
C ALA A 278 0.73 -31.91 -24.29
N PRO A 279 0.24 -33.09 -23.86
CA PRO A 279 -0.56 -33.22 -22.64
C PRO A 279 -0.44 -34.41 -21.66
N THR A 280 -0.73 -34.22 -20.39
CA THR A 280 -0.79 -35.36 -19.43
C THR A 280 -2.27 -35.73 -19.35
N ALA A 281 -2.61 -36.96 -18.98
CA ALA A 281 -4.06 -37.20 -19.06
C ALA A 281 -4.85 -36.22 -18.18
N LYS A 282 -4.23 -35.72 -17.12
CA LYS A 282 -4.91 -34.79 -16.23
C LYS A 282 -4.39 -33.37 -16.46
N ASP A 283 -5.30 -32.38 -16.42
CA ASP A 283 -4.83 -30.96 -16.51
C ASP A 283 -4.55 -30.49 -15.08
N LEU A 284 -4.35 -29.19 -14.88
CA LEU A 284 -4.00 -28.68 -13.53
C LEU A 284 -2.69 -29.32 -13.05
N ALA A 285 -1.73 -29.61 -13.94
CA ALA A 285 -0.52 -30.28 -13.51
C ALA A 285 0.51 -29.24 -13.03
N CYS A 286 1.76 -29.67 -12.92
CA CYS A 286 2.83 -28.77 -12.51
C CYS A 286 3.11 -27.73 -13.59
N ARG A 287 3.75 -26.63 -13.16
CA ARG A 287 3.76 -25.38 -13.89
C ARG A 287 4.67 -25.35 -15.10
N ASP A 288 5.46 -26.39 -15.36
CA ASP A 288 6.38 -26.34 -16.49
C ASP A 288 5.98 -27.23 -17.65
N VAL A 289 5.28 -28.34 -17.40
CA VAL A 289 4.76 -29.15 -18.49
C VAL A 289 3.63 -28.42 -19.19
N VAL A 290 2.79 -27.71 -18.43
CA VAL A 290 1.78 -26.84 -19.03
C VAL A 290 2.44 -25.65 -19.71
N SER A 291 3.57 -25.17 -19.17
CA SER A 291 4.33 -24.16 -19.88
C SER A 291 5.02 -24.72 -21.11
N ARG A 292 5.42 -26.01 -21.07
CA ARG A 292 5.92 -26.67 -22.27
C ARG A 292 4.80 -27.21 -23.13
N ALA A 293 3.54 -27.06 -22.68
CA ALA A 293 2.42 -27.34 -23.56
C ALA A 293 2.10 -26.16 -24.46
N ILE A 294 2.15 -24.94 -23.92
CA ILE A 294 1.77 -23.76 -24.69
C ILE A 294 2.84 -23.39 -25.71
N THR A 295 4.12 -23.40 -25.31
CA THR A 295 5.21 -23.05 -26.22
C THR A 295 5.39 -24.05 -27.36
N MET A 296 4.96 -25.30 -27.19
CA MET A 296 4.99 -26.25 -28.30
C MET A 296 3.73 -26.17 -29.15
N GLU A 297 2.69 -25.48 -28.66
CA GLU A 297 1.44 -25.36 -29.41
C GLU A 297 1.50 -24.20 -30.40
N ILE A 298 2.23 -23.13 -30.06
CA ILE A 298 2.24 -21.92 -30.87
C ILE A 298 3.09 -22.03 -32.12
N ARG A 299 4.17 -22.82 -32.08
CA ARG A 299 5.09 -22.85 -33.21
C ARG A 299 4.57 -23.71 -34.35
N GLU A 300 3.82 -24.77 -34.03
CA GLU A 300 3.30 -25.65 -35.07
C GLU A 300 2.06 -25.07 -35.75
N GLY A 301 1.49 -24.01 -35.19
CA GLY A 301 0.42 -23.31 -35.88
C GLY A 301 -0.92 -23.38 -35.18
N ARG A 302 -0.99 -24.15 -34.09
CA ARG A 302 -2.25 -24.42 -33.39
C ARG A 302 -2.49 -23.36 -32.32
N GLY A 303 -2.38 -22.09 -32.71
CA GLY A 303 -2.55 -21.01 -31.77
C GLY A 303 -3.05 -19.71 -32.36
N VAL A 304 -4.14 -19.18 -31.82
CA VAL A 304 -4.66 -17.88 -32.24
C VAL A 304 -3.70 -16.78 -31.77
N GLY A 305 -3.54 -15.76 -32.60
CA GLY A 305 -2.68 -14.66 -32.26
C GLY A 305 -2.77 -13.52 -33.26
N LYS A 306 -2.41 -12.33 -32.80
CA LYS A 306 -2.31 -11.19 -33.69
C LYS A 306 -0.99 -11.23 -34.46
N LYS A 307 0.07 -11.73 -33.81
CA LYS A 307 1.31 -12.12 -34.48
C LYS A 307 1.59 -13.60 -34.27
N LYS A 308 0.57 -14.37 -33.86
CA LYS A 308 0.64 -15.81 -33.56
C LYS A 308 1.63 -16.11 -32.43
N ASP A 309 1.54 -15.35 -31.34
CA ASP A 309 2.13 -15.72 -30.06
C ASP A 309 1.15 -15.26 -28.97
N HIS A 310 0.17 -16.11 -28.66
CA HIS A 310 -1.02 -15.71 -27.91
C HIS A 310 -1.84 -16.98 -27.63
N MET A 311 -2.64 -16.93 -26.55
CA MET A 311 -3.54 -18.01 -26.18
C MET A 311 -4.78 -17.43 -25.52
N TYR A 312 -5.63 -18.30 -24.98
CA TYR A 312 -6.89 -17.93 -24.34
C TYR A 312 -7.09 -18.72 -23.05
N LEU A 313 -7.98 -18.22 -22.20
CA LEU A 313 -8.45 -18.97 -21.04
C LEU A 313 -9.92 -18.64 -20.84
N GLN A 314 -10.79 -19.64 -21.01
CA GLN A 314 -12.23 -19.41 -20.90
C GLN A 314 -12.68 -19.27 -19.46
N LEU A 315 -13.55 -18.31 -19.22
CA LEU A 315 -14.19 -18.12 -17.92
C LEU A 315 -15.68 -17.84 -18.08
N SER A 316 -16.24 -18.17 -19.25
CA SER A 316 -17.68 -18.02 -19.48
C SER A 316 -18.49 -19.18 -18.94
N HIS A 317 -17.84 -20.30 -18.61
CA HIS A 317 -18.55 -21.45 -18.09
C HIS A 317 -19.01 -21.24 -16.65
N LEU A 318 -18.28 -20.44 -15.88
CA LEU A 318 -18.56 -20.28 -14.45
C LEU A 318 -19.86 -19.49 -14.24
N PRO A 319 -20.62 -19.81 -13.19
CA PRO A 319 -21.80 -19.01 -12.87
C PRO A 319 -21.40 -17.62 -12.41
N PRO A 320 -22.28 -16.63 -12.57
CA PRO A 320 -21.92 -15.25 -12.18
C PRO A 320 -21.87 -15.04 -10.67
N GLU A 321 -22.48 -15.93 -9.87
CA GLU A 321 -22.47 -15.73 -8.42
C GLU A 321 -21.14 -16.16 -7.81
N VAL A 322 -20.45 -17.11 -8.44
CA VAL A 322 -19.19 -17.59 -7.88
C VAL A 322 -18.02 -16.68 -8.30
N LEU A 323 -18.22 -15.83 -9.32
CA LEU A 323 -17.19 -14.90 -9.75
C LEU A 323 -17.11 -13.66 -8.89
N LYS A 324 -18.08 -13.43 -8.01
CA LYS A 324 -18.04 -12.29 -7.09
C LYS A 324 -17.69 -12.68 -5.66
N GLU A 325 -17.71 -13.97 -5.33
CA GLU A 325 -17.41 -14.42 -3.98
C GLU A 325 -16.06 -15.11 -3.86
N ARG A 326 -15.63 -15.86 -4.86
CA ARG A 326 -14.35 -16.55 -4.83
C ARG A 326 -13.21 -15.76 -5.44
N LEU A 327 -13.39 -15.22 -6.63
CA LEU A 327 -12.34 -14.46 -7.33
C LEU A 327 -12.84 -13.07 -7.69
N PRO A 328 -12.86 -12.13 -6.71
CA PRO A 328 -13.27 -10.76 -7.05
C PRO A 328 -12.13 -9.89 -7.57
N GLY A 329 -10.88 -10.26 -7.23
CA GLY A 329 -9.73 -9.48 -7.67
C GLY A 329 -9.27 -9.78 -9.08
N ILE A 330 -9.87 -10.77 -9.74
CA ILE A 330 -9.50 -11.11 -11.11
C ILE A 330 -10.35 -10.35 -12.13
N SER A 331 -11.63 -10.10 -11.83
CA SER A 331 -12.53 -9.44 -12.76
C SER A 331 -12.20 -7.97 -12.98
N GLU A 332 -11.44 -7.35 -12.08
CA GLU A 332 -11.05 -5.95 -12.22
C GLU A 332 -9.67 -5.76 -12.82
N THR A 333 -8.78 -6.73 -12.72
CA THR A 333 -7.42 -6.57 -13.24
C THR A 333 -7.29 -7.00 -14.69
N ALA A 334 -8.32 -7.62 -15.27
CA ALA A 334 -8.31 -7.95 -16.67
C ALA A 334 -8.99 -6.90 -17.53
N ALA A 335 -9.93 -6.13 -16.98
CA ALA A 335 -10.67 -5.13 -17.72
C ALA A 335 -9.98 -3.76 -17.71
N ILE A 336 -8.66 -3.72 -17.46
CA ILE A 336 -7.89 -2.49 -17.49
C ILE A 336 -6.76 -2.57 -18.51
N PHE A 337 -5.92 -3.60 -18.41
CA PHE A 337 -4.80 -3.76 -19.33
C PHE A 337 -5.16 -4.60 -20.55
N ALA A 338 -6.14 -5.50 -20.43
CA ALA A 338 -6.64 -6.27 -21.57
C ALA A 338 -7.99 -5.81 -22.07
N GLY A 339 -8.81 -5.20 -21.22
CA GLY A 339 -10.03 -4.56 -21.68
C GLY A 339 -11.14 -5.48 -22.13
N VAL A 340 -11.41 -6.56 -21.39
CA VAL A 340 -12.53 -7.45 -21.69
C VAL A 340 -13.03 -8.04 -20.36
N ASP A 341 -14.32 -8.39 -20.32
CA ASP A 341 -14.91 -8.95 -19.12
C ASP A 341 -14.66 -10.45 -19.05
N VAL A 342 -14.86 -11.00 -17.84
CA VAL A 342 -14.57 -12.40 -17.57
C VAL A 342 -15.80 -13.29 -17.74
N THR A 343 -16.94 -12.71 -18.12
CA THR A 343 -18.18 -13.47 -18.23
C THR A 343 -18.65 -13.73 -19.66
N LYS A 344 -18.04 -13.10 -20.65
CA LYS A 344 -18.53 -13.25 -22.01
C LYS A 344 -17.47 -13.74 -23.00
N GLU A 345 -16.24 -13.24 -22.88
CA GLU A 345 -15.20 -13.58 -23.84
C GLU A 345 -13.90 -13.91 -23.12
N PRO A 346 -13.10 -14.84 -23.65
CA PRO A 346 -11.88 -15.26 -22.95
C PRO A 346 -10.79 -14.20 -23.00
N ILE A 347 -9.74 -14.43 -22.20
CA ILE A 347 -8.69 -13.44 -21.96
C ILE A 347 -7.36 -13.90 -22.55
N PRO A 348 -6.56 -12.99 -23.11
CA PRO A 348 -5.25 -13.40 -23.68
C PRO A 348 -4.24 -13.79 -22.61
N ILE A 349 -3.34 -14.70 -22.98
CA ILE A 349 -2.42 -15.38 -22.07
C ILE A 349 -1.08 -15.61 -22.79
N ILE A 350 0.02 -15.34 -22.09
CA ILE A 350 1.36 -15.70 -22.58
C ILE A 350 2.15 -16.26 -21.40
N PRO A 351 3.11 -17.17 -21.63
CA PRO A 351 4.02 -17.55 -20.54
C PRO A 351 5.22 -16.63 -20.35
N THR A 352 5.41 -16.20 -19.09
CA THR A 352 6.45 -15.26 -18.69
C THR A 352 7.17 -15.80 -17.46
N VAL A 353 8.22 -15.09 -17.04
CA VAL A 353 9.05 -15.55 -15.91
C VAL A 353 8.31 -15.31 -14.61
N HIS A 354 8.29 -16.31 -13.73
CA HIS A 354 7.55 -16.24 -12.48
C HIS A 354 8.42 -16.29 -11.24
N TYR A 355 9.24 -17.34 -11.08
CA TYR A 355 9.85 -17.67 -9.80
C TYR A 355 11.27 -18.16 -10.03
N ASN A 356 12.12 -18.00 -9.02
CA ASN A 356 13.51 -18.44 -9.06
C ASN A 356 13.70 -19.48 -7.96
N MET A 357 14.02 -20.71 -8.34
CA MET A 357 14.29 -21.75 -7.36
C MET A 357 15.78 -21.86 -7.06
N GLY A 358 16.41 -20.73 -6.74
CA GLY A 358 17.85 -20.73 -6.47
C GLY A 358 18.25 -19.50 -5.69
N GLY A 359 19.40 -19.62 -5.03
CA GLY A 359 19.90 -18.54 -4.21
C GLY A 359 20.99 -18.96 -3.25
N ILE A 360 20.93 -18.46 -2.03
CA ILE A 360 21.96 -18.73 -1.03
C ILE A 360 21.78 -20.15 -0.50
N PRO A 361 22.82 -20.98 -0.51
CA PRO A 361 22.68 -22.34 0.04
C PRO A 361 22.54 -22.30 1.55
N THR A 362 21.52 -23.00 2.06
CA THR A 362 21.08 -22.87 3.45
C THR A 362 20.78 -24.25 4.01
N LYS A 363 20.99 -24.42 5.30
CA LYS A 363 20.49 -25.58 6.04
C LYS A 363 18.99 -25.41 6.29
N TRP A 364 18.36 -26.40 6.90
CA TRP A 364 16.93 -26.29 7.15
C TRP A 364 16.60 -25.42 8.35
N ASN A 365 17.58 -25.05 9.18
CA ASN A 365 17.30 -24.19 10.32
C ASN A 365 17.66 -22.72 10.07
N GLY A 366 18.25 -22.40 8.92
CA GLY A 366 18.44 -21.01 8.57
C GLY A 366 19.87 -20.59 8.34
N GLU A 367 20.83 -21.44 8.66
CA GLU A 367 22.23 -21.04 8.58
C GLU A 367 22.75 -21.18 7.16
N ALA A 368 23.51 -20.19 6.72
CA ALA A 368 24.05 -20.16 5.36
C ALA A 368 25.29 -21.06 5.27
N LEU A 369 25.58 -21.53 4.05
CA LEU A 369 26.58 -22.56 3.85
C LEU A 369 27.61 -22.14 2.81
N THR A 370 28.74 -22.83 2.85
CA THR A 370 29.75 -22.80 1.81
C THR A 370 30.29 -24.22 1.70
N ILE A 371 31.42 -24.38 1.02
CA ILE A 371 32.09 -25.68 0.98
C ILE A 371 33.56 -25.52 1.27
N ASP A 372 34.16 -26.59 1.76
CA ASP A 372 35.58 -26.61 2.08
C ASP A 372 36.40 -26.80 0.81
N GLU A 373 37.61 -26.24 0.83
CA GLU A 373 38.51 -26.35 -0.31
C GLU A 373 39.48 -27.52 -0.19
N GLU A 374 39.41 -28.31 0.88
CA GLU A 374 40.29 -29.45 1.07
C GLU A 374 39.56 -30.77 0.83
N THR A 375 38.42 -30.99 1.49
CA THR A 375 37.69 -32.24 1.37
C THR A 375 36.35 -32.12 0.64
N GLY A 376 35.79 -30.93 0.51
CA GLY A 376 34.56 -30.77 -0.22
C GLY A 376 33.30 -30.99 0.59
N GLU A 377 33.38 -30.93 1.91
CA GLU A 377 32.21 -31.11 2.77
C GLU A 377 31.50 -29.77 2.93
N ASP A 378 30.54 -29.71 3.84
CA ASP A 378 29.83 -28.47 4.12
C ASP A 378 30.56 -27.68 5.20
N LYS A 379 30.10 -26.44 5.39
CA LYS A 379 30.76 -25.53 6.32
C LYS A 379 29.80 -24.41 6.64
N VAL A 380 29.67 -24.06 7.91
CA VAL A 380 28.78 -22.97 8.31
C VAL A 380 29.55 -21.66 8.26
N ILE A 381 28.96 -20.66 7.62
CA ILE A 381 29.51 -19.31 7.60
C ILE A 381 29.17 -18.65 8.93
N PRO A 382 30.14 -18.18 9.70
CA PRO A 382 29.81 -17.54 10.98
C PRO A 382 29.20 -16.17 10.81
N GLY A 383 27.97 -16.00 11.28
CA GLY A 383 27.34 -14.70 11.34
C GLY A 383 26.26 -14.46 10.30
N LEU A 384 26.10 -15.35 9.33
CA LEU A 384 25.18 -15.11 8.21
C LEU A 384 24.04 -16.12 8.26
N MET A 385 22.83 -15.65 7.99
CA MET A 385 21.65 -16.48 7.82
C MET A 385 20.86 -15.97 6.62
N ALA A 386 19.84 -16.72 6.22
CA ALA A 386 19.01 -16.36 5.09
C ALA A 386 17.66 -17.05 5.17
N CYS A 387 16.63 -16.41 4.61
CA CYS A 387 15.29 -16.99 4.53
C CYS A 387 14.52 -16.32 3.40
N GLY A 388 13.42 -16.96 2.99
CA GLY A 388 12.55 -16.37 1.99
C GLY A 388 12.68 -16.92 0.59
N GLU A 389 12.63 -16.02 -0.40
CA GLU A 389 12.86 -16.41 -1.79
C GLU A 389 14.32 -16.31 -2.17
N ALA A 390 15.10 -15.49 -1.47
CA ALA A 390 16.53 -15.34 -1.72
C ALA A 390 17.33 -16.53 -1.26
N ALA A 391 16.76 -17.40 -0.44
CA ALA A 391 17.44 -18.58 0.09
C ALA A 391 17.07 -19.78 -0.76
N CYS A 392 17.91 -20.81 -0.71
CA CYS A 392 17.67 -22.06 -1.41
C CYS A 392 17.95 -23.19 -0.42
N VAL A 393 16.92 -23.56 0.34
CA VAL A 393 16.97 -24.73 1.22
C VAL A 393 16.84 -26.01 0.41
N SER A 394 16.43 -25.90 -0.86
CA SER A 394 15.93 -26.99 -1.70
C SER A 394 14.74 -27.67 -1.05
N VAL A 395 13.73 -26.88 -0.73
CA VAL A 395 12.39 -27.39 -0.49
C VAL A 395 11.63 -27.51 -1.81
N HIS A 396 11.83 -26.57 -2.72
CA HIS A 396 11.21 -26.59 -4.03
C HIS A 396 12.01 -27.37 -5.06
N GLY A 397 13.33 -27.39 -4.95
CA GLY A 397 14.15 -28.24 -5.78
C GLY A 397 14.28 -27.77 -7.21
N ALA A 398 13.65 -28.49 -8.13
CA ALA A 398 13.70 -28.16 -9.54
C ALA A 398 12.39 -27.67 -10.11
N ASN A 399 11.32 -27.64 -9.32
CA ASN A 399 9.99 -27.27 -9.80
C ASN A 399 9.12 -26.95 -8.59
N ARG A 400 8.38 -25.84 -8.67
CA ARG A 400 7.65 -25.32 -7.53
C ARG A 400 6.19 -25.69 -7.62
N LEU A 401 5.65 -26.30 -6.56
CA LEU A 401 4.21 -26.53 -6.48
C LEU A 401 3.50 -25.27 -5.97
N GLY A 402 2.36 -24.98 -6.58
CA GLY A 402 1.65 -23.74 -6.29
C GLY A 402 1.16 -23.68 -4.85
N ALA A 403 1.18 -22.45 -4.31
CA ALA A 403 0.79 -22.12 -2.93
C ALA A 403 1.68 -22.80 -1.89
N ASN A 404 2.92 -23.13 -2.25
CA ASN A 404 3.92 -23.57 -1.29
C ASN A 404 4.96 -22.49 -1.00
N SER A 405 4.86 -21.33 -1.65
CA SER A 405 5.82 -20.26 -1.40
C SER A 405 5.35 -19.32 -0.31
N LEU A 406 4.07 -19.35 0.04
CA LEU A 406 3.60 -18.61 1.19
C LEU A 406 3.76 -19.41 2.47
N LEU A 407 3.76 -20.73 2.38
CA LEU A 407 4.11 -21.58 3.51
C LEU A 407 5.61 -21.56 3.77
N ASP A 408 6.40 -21.30 2.74
CA ASP A 408 7.85 -21.22 2.85
C ASP A 408 8.27 -20.04 3.70
N LEU A 409 7.53 -18.93 3.63
CA LEU A 409 7.90 -17.73 4.36
C LEU A 409 7.64 -17.84 5.86
N VAL A 410 6.55 -18.49 6.24
CA VAL A 410 6.11 -18.55 7.64
C VAL A 410 6.86 -19.61 8.42
N VAL A 411 7.10 -20.78 7.81
CA VAL A 411 7.72 -21.88 8.55
C VAL A 411 9.22 -21.62 8.73
N PHE A 412 9.90 -21.15 7.68
CA PHE A 412 11.32 -20.89 7.75
C PHE A 412 11.66 -19.44 8.09
N GLY A 413 10.69 -18.69 8.60
CA GLY A 413 10.94 -17.42 9.22
C GLY A 413 10.75 -17.57 10.72
N ARG A 414 9.99 -18.60 11.08
CA ARG A 414 9.82 -18.96 12.48
C ARG A 414 10.97 -19.83 12.96
N ALA A 415 11.59 -20.59 12.07
CA ALA A 415 12.72 -21.43 12.44
C ALA A 415 14.02 -20.65 12.51
N VAL A 416 14.09 -19.49 11.87
CA VAL A 416 15.27 -18.64 11.98
C VAL A 416 15.35 -18.01 13.36
N ALA A 417 14.22 -17.52 13.88
CA ALA A 417 14.19 -16.88 15.19
C ALA A 417 14.34 -17.88 16.33
N HIS A 418 14.11 -19.17 16.07
CA HIS A 418 14.15 -20.16 17.13
C HIS A 418 15.56 -20.70 17.35
N THR A 419 16.40 -20.69 16.32
CA THR A 419 17.77 -21.17 16.47
C THR A 419 18.77 -20.07 16.77
N VAL A 420 18.35 -18.80 16.77
CA VAL A 420 19.21 -17.74 17.26
C VAL A 420 19.16 -17.70 18.78
N ALA A 421 17.98 -17.96 19.35
CA ALA A 421 17.81 -17.99 20.80
C ALA A 421 18.53 -19.15 21.45
N ASP A 422 18.81 -20.22 20.70
CA ASP A 422 19.52 -21.38 21.25
C ASP A 422 21.03 -21.28 21.10
N THR A 423 21.53 -20.21 20.50
CA THR A 423 22.96 -19.99 20.34
C THR A 423 23.44 -18.70 20.98
N LEU A 424 22.75 -17.59 20.73
CA LEU A 424 23.21 -16.26 21.11
C LEU A 424 22.51 -15.80 22.38
N GLN A 425 23.29 -15.35 23.37
CA GLN A 425 22.75 -14.78 24.58
C GLN A 425 22.66 -13.27 24.48
N PRO A 426 21.62 -12.65 25.03
CA PRO A 426 21.42 -11.21 24.83
C PRO A 426 22.38 -10.40 25.67
N GLY A 427 23.05 -9.43 25.04
CA GLY A 427 24.02 -8.59 25.71
C GLY A 427 25.40 -9.16 25.57
N LEU A 428 26.23 -8.54 24.74
CA LEU A 428 27.56 -9.06 24.45
C LEU A 428 28.38 -7.93 23.87
N PRO A 429 29.64 -7.79 24.26
CA PRO A 429 30.44 -6.67 23.74
C PRO A 429 30.88 -6.93 22.31
N HIS A 430 31.03 -5.85 21.56
CA HIS A 430 31.51 -5.93 20.18
C HIS A 430 33.02 -5.71 20.13
N LYS A 431 33.64 -6.28 19.11
CA LYS A 431 35.08 -6.22 18.93
C LYS A 431 35.46 -4.90 18.26
N PRO A 432 36.56 -4.28 18.70
CA PRO A 432 37.00 -3.03 18.06
C PRO A 432 37.80 -3.31 16.79
N LEU A 433 37.26 -2.84 15.66
CA LEU A 433 37.80 -3.04 14.33
C LEU A 433 38.49 -1.76 13.87
N PRO A 434 39.19 -1.77 12.72
CA PRO A 434 39.67 -0.52 12.13
C PRO A 434 38.57 0.47 11.81
N SER A 435 38.96 1.74 11.72
CA SER A 435 38.03 2.83 11.54
C SER A 435 37.50 2.97 10.13
N ASP A 436 38.08 2.27 9.16
CA ASP A 436 37.60 2.27 7.79
C ASP A 436 37.03 0.91 7.38
N LEU A 437 36.27 0.29 8.27
CA LEU A 437 35.63 -0.99 7.98
C LEU A 437 34.51 -0.73 6.99
N GLY A 438 34.73 -1.10 5.74
CA GLY A 438 33.76 -0.86 4.70
C GLY A 438 34.08 0.38 3.90
N LYS A 439 35.35 0.58 3.57
CA LYS A 439 35.76 1.73 2.79
C LYS A 439 35.77 1.45 1.29
N GLU A 440 35.63 0.19 0.89
CA GLU A 440 35.59 -0.14 -0.53
C GLU A 440 34.18 -0.15 -1.09
N SER A 441 33.18 0.07 -0.25
CA SER A 441 31.80 0.20 -0.70
C SER A 441 31.39 1.65 -0.86
N ILE A 442 32.13 2.59 -0.28
CA ILE A 442 31.89 4.01 -0.51
C ILE A 442 32.76 4.50 -1.66
N ALA A 443 33.84 3.79 -1.96
CA ALA A 443 34.64 4.10 -3.13
C ALA A 443 33.96 3.66 -4.42
N ASN A 444 32.94 2.79 -4.33
CA ASN A 444 32.15 2.42 -5.48
C ASN A 444 30.91 3.29 -5.62
N LEU A 445 30.40 3.84 -4.52
CA LEU A 445 29.32 4.79 -4.57
C LEU A 445 29.78 6.13 -5.14
N ASP A 446 31.05 6.45 -4.99
CA ASP A 446 31.61 7.67 -5.55
C ASP A 446 31.87 7.56 -7.04
N LYS A 447 32.27 6.39 -7.53
CA LYS A 447 32.59 6.22 -8.94
C LYS A 447 31.33 6.20 -9.80
N LEU A 448 30.25 5.60 -9.31
CA LEU A 448 29.00 5.51 -10.05
C LEU A 448 28.18 6.77 -9.98
N ARG A 449 28.56 7.74 -9.15
CA ARG A 449 27.88 9.02 -9.07
C ARG A 449 28.51 10.07 -9.96
N ASN A 450 29.83 10.17 -9.94
CA ASN A 450 30.57 11.03 -10.87
C ASN A 450 30.99 10.25 -12.11
N ALA A 451 30.00 9.64 -12.77
CA ALA A 451 30.24 8.80 -13.92
C ALA A 451 30.11 9.60 -15.20
N ASN A 452 30.96 9.30 -16.18
CA ASN A 452 30.94 9.97 -17.47
C ASN A 452 31.41 8.99 -18.53
N GLY A 453 30.51 8.62 -19.43
CA GLY A 453 30.82 7.67 -20.48
C GLY A 453 30.05 8.02 -21.73
N SER A 454 29.63 7.00 -22.46
CA SER A 454 28.86 7.17 -23.68
C SER A 454 27.50 6.48 -23.62
N ARG A 455 27.40 5.41 -22.83
CA ARG A 455 26.16 4.66 -22.70
C ARG A 455 25.45 5.02 -21.41
N SER A 456 24.18 5.36 -21.51
CA SER A 456 23.40 5.66 -20.33
C SER A 456 23.02 4.37 -19.61
N THR A 457 22.52 4.50 -18.39
CA THR A 457 22.16 3.32 -17.60
C THR A 457 20.88 2.65 -18.07
N ALA A 458 20.10 3.29 -18.93
CA ALA A 458 18.91 2.67 -19.49
C ALA A 458 19.16 2.05 -20.85
N GLU A 459 20.36 2.20 -21.38
CA GLU A 459 20.73 1.59 -22.66
C GLU A 459 21.46 0.27 -22.45
N ILE A 460 22.30 0.17 -21.43
CA ILE A 460 22.94 -1.09 -21.09
C ILE A 460 21.95 -2.04 -20.41
N ARG A 461 20.89 -1.50 -19.80
CA ARG A 461 19.87 -2.36 -19.21
C ARG A 461 19.05 -3.09 -20.26
N MET A 462 18.98 -2.58 -21.48
CA MET A 462 18.21 -3.20 -22.55
C MET A 462 18.98 -4.26 -23.30
N ASN A 463 20.31 -4.21 -23.28
CA ASN A 463 21.10 -5.27 -23.89
C ASN A 463 21.19 -6.50 -23.00
N MET A 464 20.89 -6.34 -21.71
CA MET A 464 20.86 -7.48 -20.79
C MET A 464 19.50 -8.18 -20.86
N LYS A 465 18.42 -7.41 -20.98
CA LYS A 465 17.07 -7.98 -21.00
C LYS A 465 16.81 -8.72 -22.29
N GLN A 466 17.25 -8.19 -23.42
CA GLN A 466 17.01 -8.84 -24.70
C GLN A 466 17.96 -10.00 -24.96
N THR A 467 19.02 -10.14 -24.17
CA THR A 467 19.92 -11.27 -24.34
C THR A 467 19.42 -12.48 -23.56
N MET A 468 18.96 -12.28 -22.33
CA MET A 468 18.45 -13.37 -21.50
C MET A 468 17.15 -13.95 -22.00
N GLN A 469 16.34 -13.19 -22.73
CA GLN A 469 15.11 -13.73 -23.29
C GLN A 469 15.37 -14.51 -24.57
N LYS A 470 16.47 -14.22 -25.25
CA LYS A 470 16.75 -14.85 -26.53
C LYS A 470 17.46 -16.19 -26.37
N ASP A 471 18.28 -16.34 -25.32
CA ASP A 471 19.15 -17.50 -25.19
C ASP A 471 18.81 -18.39 -24.00
N VAL A 472 18.64 -17.81 -22.81
CA VAL A 472 18.28 -18.58 -21.64
C VAL A 472 16.76 -18.55 -21.47
N SER A 473 16.07 -19.47 -22.13
CA SER A 473 14.62 -19.41 -22.25
C SER A 473 14.07 -20.83 -22.10
N VAL A 474 12.85 -21.05 -22.58
CA VAL A 474 12.13 -22.29 -22.32
C VAL A 474 12.80 -23.48 -23.00
N PHE A 475 13.32 -23.29 -24.21
CA PHE A 475 13.93 -24.37 -24.98
C PHE A 475 15.42 -24.10 -25.17
N ARG A 476 16.26 -24.97 -24.63
CA ARG A 476 17.70 -24.73 -24.50
C ARG A 476 18.49 -25.81 -25.25
N THR A 477 19.67 -25.43 -25.72
CA THR A 477 20.60 -26.35 -26.37
C THR A 477 22.00 -25.77 -26.28
N GLN A 478 23.01 -26.59 -26.58
CA GLN A 478 24.39 -26.12 -26.52
C GLN A 478 24.87 -25.62 -27.89
N SER A 479 24.03 -24.81 -28.51
CA SER A 479 24.44 -23.91 -29.58
C SER A 479 23.85 -22.53 -29.43
N SER A 480 22.86 -22.35 -28.56
CA SER A 480 22.33 -21.06 -28.20
C SER A 480 22.64 -20.67 -26.77
N LEU A 481 23.19 -21.59 -25.98
CA LEU A 481 23.66 -21.22 -24.64
C LEU A 481 25.08 -20.69 -24.69
N ASP A 482 25.87 -21.17 -25.65
CA ASP A 482 27.20 -20.61 -25.86
C ASP A 482 27.15 -19.22 -26.49
N GLU A 483 26.09 -18.91 -27.24
CA GLU A 483 25.92 -17.54 -27.74
C GLU A 483 25.42 -16.62 -26.65
N GLY A 484 24.84 -17.17 -25.58
CA GLY A 484 24.41 -16.34 -24.48
C GLY A 484 25.54 -15.98 -23.54
N VAL A 485 26.52 -16.87 -23.39
CA VAL A 485 27.66 -16.59 -22.54
C VAL A 485 28.59 -15.57 -23.21
N ARG A 486 28.74 -15.64 -24.53
CA ARG A 486 29.61 -14.69 -25.22
C ARG A 486 28.95 -13.32 -25.38
N ASN A 487 27.63 -13.24 -25.23
CA ASN A 487 26.97 -11.95 -25.36
C ASN A 487 26.82 -11.25 -24.02
N ILE A 488 26.51 -12.00 -22.96
CA ILE A 488 26.42 -11.42 -21.62
C ILE A 488 27.78 -11.08 -21.05
N THR A 489 28.86 -11.58 -21.65
CA THR A 489 30.19 -11.13 -21.28
C THR A 489 30.56 -9.81 -21.95
N ALA A 490 30.10 -9.59 -23.18
CA ALA A 490 30.34 -8.34 -23.87
C ALA A 490 29.55 -7.18 -23.29
N VAL A 491 28.35 -7.46 -22.76
CA VAL A 491 27.55 -6.43 -22.10
C VAL A 491 28.21 -5.98 -20.80
N GLU A 492 28.87 -6.90 -20.09
CA GLU A 492 29.47 -6.57 -18.81
C GLU A 492 30.70 -5.70 -18.96
N LYS A 493 31.34 -5.71 -20.12
CA LYS A 493 32.51 -4.87 -20.35
C LYS A 493 32.13 -3.48 -20.86
N THR A 494 30.85 -3.20 -21.04
CA THR A 494 30.39 -1.85 -21.35
C THR A 494 29.86 -1.12 -20.13
N PHE A 495 29.81 -1.78 -18.97
CA PHE A 495 29.47 -1.09 -17.73
C PHE A 495 30.60 -0.18 -17.25
N ASP A 496 31.80 -0.34 -17.79
CA ASP A 496 32.91 0.55 -17.51
C ASP A 496 32.74 1.95 -18.10
N ASP A 497 31.85 2.12 -19.08
CA ASP A 497 31.61 3.41 -19.70
C ASP A 497 30.16 3.85 -19.53
N VAL A 498 29.63 3.73 -18.31
CA VAL A 498 28.26 4.14 -18.04
C VAL A 498 28.21 5.66 -17.93
N LYS A 499 27.01 6.23 -18.02
CA LYS A 499 26.84 7.68 -17.99
C LYS A 499 25.70 8.05 -17.05
N THR A 500 25.98 8.93 -16.09
CA THR A 500 25.03 9.33 -15.07
C THR A 500 25.02 10.85 -15.01
N THR A 501 23.83 11.44 -15.02
CA THR A 501 23.67 12.89 -15.12
C THR A 501 22.90 13.46 -13.94
N ASP A 502 23.15 12.94 -12.73
CA ASP A 502 22.53 13.47 -11.52
C ASP A 502 23.55 13.32 -10.38
N ARG A 503 24.09 14.45 -9.92
CA ARG A 503 25.12 14.45 -8.89
C ARG A 503 24.61 14.84 -7.52
N SER A 504 23.30 14.82 -7.30
CA SER A 504 22.75 15.13 -5.99
C SER A 504 22.90 13.91 -5.07
N MET A 505 22.66 14.12 -3.77
CA MET A 505 22.67 12.96 -2.83
C MET A 505 21.36 12.91 -2.04
N ILE A 506 20.30 13.62 -2.45
CA ILE A 506 19.00 13.54 -1.79
C ILE A 506 18.04 12.97 -2.82
N TRP A 507 17.63 11.72 -2.59
CA TRP A 507 16.75 10.97 -3.50
C TRP A 507 17.35 10.94 -4.89
N ASN A 508 18.63 10.63 -5.00
CA ASN A 508 19.32 10.50 -6.27
C ASN A 508 18.88 9.18 -6.87
N SER A 509 17.77 9.22 -7.61
CA SER A 509 17.22 8.01 -8.20
C SER A 509 17.95 7.58 -9.45
N ASP A 510 18.78 8.44 -10.05
CA ASP A 510 19.65 8.04 -11.13
C ASP A 510 20.83 7.22 -10.66
N LEU A 511 21.13 7.26 -9.36
CA LEU A 511 22.17 6.45 -8.77
C LEU A 511 21.67 5.11 -8.27
N VAL A 512 20.40 5.04 -7.83
CA VAL A 512 19.87 3.79 -7.31
C VAL A 512 19.58 2.81 -8.45
N GLU A 513 19.20 3.32 -9.62
CA GLU A 513 18.97 2.42 -10.75
C GLU A 513 20.26 1.93 -11.38
N THR A 514 21.37 2.67 -11.22
CA THR A 514 22.64 2.14 -11.70
C THR A 514 23.41 1.41 -10.63
N LEU A 515 22.91 1.35 -9.40
CA LEU A 515 23.38 0.40 -8.40
C LEU A 515 22.64 -0.92 -8.51
N GLU A 516 21.36 -0.90 -8.93
CA GLU A 516 20.61 -2.12 -9.17
C GLU A 516 20.97 -2.78 -10.49
N LEU A 517 21.69 -2.09 -11.37
CA LEU A 517 22.17 -2.71 -12.60
C LEU A 517 23.46 -3.46 -12.36
N GLN A 518 24.24 -3.05 -11.35
CA GLN A 518 25.43 -3.79 -10.97
C GLN A 518 25.05 -5.10 -10.29
N ASN A 519 23.91 -5.13 -9.62
CA ASN A 519 23.46 -6.33 -8.94
C ASN A 519 22.84 -7.33 -9.90
N LEU A 520 22.17 -6.84 -10.94
CA LEU A 520 21.54 -7.75 -11.90
C LEU A 520 22.54 -8.33 -12.88
N LEU A 521 23.67 -7.68 -13.10
CA LEU A 521 24.65 -8.22 -14.02
C LEU A 521 25.46 -9.35 -13.40
N THR A 522 25.56 -9.38 -12.07
CA THR A 522 26.21 -10.50 -11.40
C THR A 522 25.31 -11.73 -11.37
N CYS A 523 24.01 -11.53 -11.11
CA CYS A 523 23.06 -12.62 -11.05
C CYS A 523 22.73 -13.21 -12.41
N ALA A 524 22.79 -12.42 -13.48
CA ALA A 524 22.42 -12.91 -14.80
C ALA A 524 23.58 -13.59 -15.50
N SER A 525 24.81 -13.23 -15.16
CA SER A 525 25.96 -13.85 -15.81
C SER A 525 26.27 -15.22 -15.21
N GLN A 526 25.82 -15.49 -13.99
CA GLN A 526 26.01 -16.79 -13.36
C GLN A 526 24.90 -17.78 -13.71
N THR A 527 23.78 -17.31 -14.25
CA THR A 527 22.71 -18.16 -14.75
C THR A 527 23.02 -18.73 -16.13
N ALA A 528 23.68 -17.96 -16.99
CA ALA A 528 23.98 -18.43 -18.34
C ALA A 528 25.10 -19.46 -18.33
N VAL A 529 26.02 -19.36 -17.37
CA VAL A 529 27.11 -20.33 -17.27
C VAL A 529 26.67 -21.61 -16.57
N SER A 530 25.82 -21.52 -15.55
CA SER A 530 25.30 -22.70 -14.87
C SER A 530 24.39 -23.53 -15.75
N ALA A 531 23.53 -22.89 -16.54
CA ALA A 531 22.59 -23.60 -17.39
C ALA A 531 23.23 -24.19 -18.63
N ALA A 532 24.43 -23.76 -19.00
CA ALA A 532 25.13 -24.27 -20.16
C ALA A 532 26.09 -25.39 -19.83
N ASN A 533 26.02 -25.94 -18.62
CA ASN A 533 27.00 -26.89 -18.11
C ASN A 533 26.32 -28.12 -17.56
N ARG A 534 25.01 -28.05 -17.35
CA ARG A 534 24.22 -29.18 -16.86
C ARG A 534 23.68 -29.90 -18.09
N LYS A 535 24.21 -31.09 -18.36
CA LYS A 535 23.80 -31.88 -19.51
C LYS A 535 22.82 -32.98 -19.08
N GLU A 536 21.60 -32.55 -18.78
CA GLU A 536 20.45 -33.39 -18.51
C GLU A 536 19.22 -32.52 -18.57
N SER A 537 18.05 -33.13 -18.40
CA SER A 537 16.80 -32.36 -18.37
C SER A 537 15.95 -32.87 -17.21
N ARG A 538 15.74 -32.01 -16.21
CA ARG A 538 14.80 -32.32 -15.13
C ARG A 538 14.16 -31.02 -14.67
N GLY A 539 12.89 -31.12 -14.29
CA GLY A 539 12.20 -29.99 -13.71
C GLY A 539 11.91 -28.90 -14.72
N ALA A 540 12.34 -27.68 -14.40
CA ALA A 540 12.13 -26.51 -15.24
C ALA A 540 13.36 -26.17 -16.08
N HIS A 541 14.24 -27.13 -16.32
CA HIS A 541 15.40 -26.99 -17.19
C HIS A 541 15.36 -28.14 -18.17
N ALA A 542 15.02 -27.87 -19.42
CA ALA A 542 14.82 -28.90 -20.42
C ALA A 542 15.82 -28.73 -21.54
N ARG A 543 16.74 -29.69 -21.67
CA ARG A 543 17.76 -29.66 -22.71
C ARG A 543 17.28 -30.51 -23.87
N GLU A 544 17.28 -29.94 -25.07
CA GLU A 544 16.82 -30.67 -26.24
C GLU A 544 17.85 -31.67 -26.74
N ASP A 545 19.13 -31.46 -26.43
CA ASP A 545 20.16 -32.41 -26.85
C ASP A 545 20.36 -33.55 -25.86
N TYR A 546 19.78 -33.44 -24.67
CA TYR A 546 19.78 -34.52 -23.68
C TYR A 546 18.38 -34.58 -23.11
N PRO A 547 17.48 -35.34 -23.73
CA PRO A 547 16.07 -35.31 -23.29
C PRO A 547 15.73 -36.25 -22.15
N ASN A 548 16.65 -37.11 -21.73
CA ASN A 548 16.40 -38.03 -20.64
C ASN A 548 16.90 -37.44 -19.32
N ARG A 549 16.23 -37.80 -18.24
CA ARG A 549 16.69 -37.42 -16.91
C ARG A 549 17.69 -38.44 -16.40
N ASP A 550 18.84 -37.95 -15.96
CA ASP A 550 19.92 -38.78 -15.45
C ASP A 550 19.96 -38.71 -13.93
N ASP A 551 20.08 -39.87 -13.29
CA ASP A 551 20.05 -39.96 -11.84
C ASP A 551 21.37 -40.40 -11.22
N GLU A 552 22.14 -41.24 -11.90
CA GLU A 552 23.35 -41.77 -11.29
C GLU A 552 24.51 -40.80 -11.36
N HIS A 553 24.47 -39.82 -12.25
CA HIS A 553 25.58 -38.89 -12.43
C HIS A 553 25.22 -37.43 -12.19
N TRP A 554 23.94 -37.06 -12.22
CA TRP A 554 23.57 -35.65 -12.20
C TRP A 554 22.58 -35.34 -11.09
N MET A 555 22.58 -36.14 -10.02
CA MET A 555 21.74 -35.83 -8.87
C MET A 555 22.56 -35.08 -7.81
N LYS A 556 22.92 -33.84 -8.16
CA LYS A 556 23.72 -32.99 -7.31
C LYS A 556 23.36 -31.54 -7.60
N HIS A 557 23.78 -30.64 -6.72
CA HIS A 557 23.51 -29.22 -6.89
C HIS A 557 24.68 -28.54 -7.61
N THR A 558 24.53 -27.25 -7.90
CA THR A 558 25.55 -26.47 -8.57
C THR A 558 25.87 -25.24 -7.72
N LEU A 559 27.15 -24.98 -7.48
CA LEU A 559 27.58 -23.80 -6.74
C LEU A 559 28.52 -22.99 -7.61
N SER A 560 28.29 -21.68 -7.67
CA SER A 560 29.00 -20.80 -8.59
C SER A 560 29.61 -19.60 -7.88
N TRP A 561 30.79 -19.18 -8.33
CA TRP A 561 31.54 -18.08 -7.74
C TRP A 561 31.82 -17.02 -8.80
N GLN A 562 31.58 -15.75 -8.45
CA GLN A 562 32.03 -14.63 -9.28
C GLN A 562 32.15 -13.41 -8.38
N LYS A 563 33.34 -12.78 -8.38
CA LYS A 563 33.59 -11.71 -7.42
C LYS A 563 33.01 -10.37 -7.89
N ASP A 564 33.46 -9.87 -9.03
CA ASP A 564 33.01 -8.59 -9.54
C ASP A 564 32.40 -8.78 -10.92
N VAL A 565 31.91 -7.69 -11.50
CA VAL A 565 31.48 -7.71 -12.89
C VAL A 565 32.71 -7.79 -13.77
N ALA A 566 32.57 -8.52 -14.89
CA ALA A 566 33.66 -8.90 -15.80
C ALA A 566 34.78 -9.62 -15.05
N ALA A 567 34.44 -10.78 -14.51
CA ALA A 567 35.33 -11.67 -13.79
C ALA A 567 34.96 -13.10 -14.14
N PRO A 568 35.91 -14.04 -14.08
CA PRO A 568 35.59 -15.43 -14.47
C PRO A 568 34.70 -16.12 -13.45
N VAL A 569 33.84 -17.01 -13.96
CA VAL A 569 32.88 -17.76 -13.15
C VAL A 569 33.34 -19.21 -13.07
N THR A 570 33.35 -19.76 -11.85
CA THR A 570 33.74 -21.14 -11.60
C THR A 570 32.57 -21.93 -11.06
N LEU A 571 32.69 -23.26 -11.07
CA LEU A 571 31.62 -24.16 -10.66
C LEU A 571 32.15 -25.31 -9.82
N LYS A 572 31.40 -25.64 -8.77
CA LYS A 572 31.61 -26.84 -7.96
C LYS A 572 30.25 -27.40 -7.55
N TYR A 573 30.22 -28.67 -7.16
CA TYR A 573 28.97 -29.39 -6.95
C TYR A 573 28.91 -29.98 -5.55
N ARG A 574 27.68 -30.14 -5.05
CA ARG A 574 27.45 -30.78 -3.76
C ARG A 574 26.25 -31.72 -3.85
N ARG A 575 26.27 -32.76 -3.04
CA ARG A 575 25.30 -33.84 -3.11
C ARG A 575 23.99 -33.45 -2.43
N VAL A 576 22.90 -34.06 -2.89
CA VAL A 576 21.57 -33.77 -2.36
C VAL A 576 21.22 -34.79 -1.27
N ILE A 577 20.63 -34.30 -0.18
CA ILE A 577 20.34 -35.11 1.00
C ILE A 577 19.07 -35.92 0.76
N ASP A 578 19.17 -37.25 0.93
CA ASP A 578 18.07 -38.14 0.61
C ASP A 578 17.63 -38.97 1.81
N HIS A 579 17.58 -38.37 2.99
CA HIS A 579 17.08 -39.04 4.19
C HIS A 579 16.34 -38.04 5.05
N THR A 580 15.33 -38.51 5.77
CA THR A 580 14.42 -37.66 6.52
C THR A 580 15.05 -37.27 7.87
N LEU A 581 14.34 -36.42 8.62
CA LEU A 581 14.80 -36.04 9.95
C LEU A 581 14.71 -37.18 10.94
N ASP A 582 13.68 -38.01 10.80
CA ASP A 582 13.49 -39.18 11.66
C ASP A 582 13.03 -40.33 10.77
N GLU A 583 13.73 -41.45 10.88
CA GLU A 583 13.41 -42.58 10.01
C GLU A 583 12.18 -43.34 10.46
N LYS A 584 11.68 -43.09 11.67
CA LYS A 584 10.49 -43.77 12.15
C LYS A 584 9.21 -42.96 11.96
N GLU A 585 9.31 -41.63 11.90
CA GLU A 585 8.13 -40.76 11.68
C GLU A 585 7.70 -40.87 10.21
N CYS A 586 8.57 -40.49 9.27
CA CYS A 586 8.29 -40.62 7.82
C CYS A 586 9.48 -41.30 7.14
N PRO A 587 9.32 -42.43 6.44
CA PRO A 587 10.44 -43.02 5.72
C PRO A 587 10.80 -42.21 4.46
N SER A 588 11.92 -42.52 3.79
CA SER A 588 12.33 -41.72 2.65
C SER A 588 11.55 -42.15 1.40
N VAL A 589 11.46 -41.24 0.44
CA VAL A 589 10.77 -41.54 -0.82
C VAL A 589 11.80 -41.87 -1.89
N PRO A 590 11.77 -43.07 -2.46
CA PRO A 590 12.77 -43.44 -3.48
C PRO A 590 12.42 -42.83 -4.82
N PRO A 591 13.38 -42.73 -5.76
CA PRO A 591 13.06 -42.13 -7.05
C PRO A 591 12.30 -43.09 -7.94
N THR A 592 11.56 -42.54 -8.89
CA THR A 592 10.78 -43.30 -9.87
C THR A 592 10.58 -42.41 -11.10
N THR B 1 4.00 8.84 -38.96
CA THR B 1 3.99 10.24 -38.54
C THR B 1 3.61 10.36 -37.08
N PRO B 2 4.45 10.94 -36.24
CA PRO B 2 4.23 10.88 -34.79
C PRO B 2 3.10 11.78 -34.31
N ARG B 3 2.59 11.44 -33.13
CA ARG B 3 1.57 12.23 -32.43
C ARG B 3 2.11 12.66 -31.09
N LEU B 4 2.35 13.97 -30.94
CA LEU B 4 3.07 14.51 -29.80
C LEU B 4 2.09 15.15 -28.83
N LYS B 5 1.99 14.57 -27.62
CA LYS B 5 1.20 15.11 -26.53
C LYS B 5 2.11 15.77 -25.51
N THR B 6 1.65 16.88 -24.94
CA THR B 6 2.47 17.73 -24.08
C THR B 6 2.11 17.47 -22.61
N PHE B 7 3.11 17.18 -21.80
CA PHE B 7 2.95 16.97 -20.37
C PHE B 7 3.57 18.14 -19.61
N LYS B 8 3.07 18.38 -18.40
CA LYS B 8 3.55 19.49 -17.58
C LYS B 8 3.76 19.01 -16.16
N VAL B 9 5.01 18.80 -15.77
CA VAL B 9 5.38 18.11 -14.54
C VAL B 9 5.98 19.11 -13.56
N TYR B 10 5.65 18.95 -12.28
CA TYR B 10 6.15 19.79 -11.20
C TYR B 10 7.62 19.50 -10.91
N ARG B 11 8.40 20.55 -10.59
CA ARG B 11 9.83 20.40 -10.39
C ARG B 11 10.32 21.22 -9.20
N TRP B 12 11.20 20.63 -8.40
CA TRP B 12 11.91 21.33 -7.32
C TRP B 12 13.21 20.60 -7.01
N ASN B 13 14.27 21.37 -6.76
CA ASN B 13 15.59 20.81 -6.51
C ASN B 13 16.10 21.25 -5.15
N PRO B 14 16.28 20.35 -4.19
CA PRO B 14 16.73 20.76 -2.84
C PRO B 14 18.20 21.11 -2.73
N ASP B 15 18.98 21.06 -3.80
CA ASP B 15 20.36 21.54 -3.78
C ASP B 15 20.46 23.01 -4.19
N GLU B 16 19.40 23.56 -4.79
CA GLU B 16 19.20 24.99 -4.94
C GLU B 16 17.90 25.32 -4.23
N PRO B 17 17.92 25.54 -2.92
CA PRO B 17 16.69 25.68 -2.16
C PRO B 17 15.97 27.01 -2.34
N SER B 18 16.63 28.01 -2.94
CA SER B 18 16.00 29.31 -3.12
C SER B 18 15.26 29.42 -4.44
N ALA B 19 15.32 28.40 -5.28
CA ALA B 19 14.58 28.41 -6.53
C ALA B 19 13.13 28.01 -6.29
N LYS B 20 12.21 28.78 -6.85
CA LYS B 20 10.79 28.49 -6.70
C LYS B 20 10.40 27.29 -7.55
N PRO B 21 9.39 26.54 -7.11
CA PRO B 21 8.89 25.43 -7.94
C PRO B 21 8.18 25.94 -9.18
N HIS B 22 8.20 25.10 -10.21
CA HIS B 22 7.67 25.47 -11.52
C HIS B 22 7.30 24.21 -12.27
N LEU B 23 6.55 24.38 -13.37
CA LEU B 23 6.15 23.28 -14.22
C LEU B 23 7.03 23.23 -15.47
N GLN B 24 7.48 22.04 -15.82
CA GLN B 24 8.35 21.84 -16.97
C GLN B 24 7.61 21.03 -18.02
N SER B 25 7.87 21.31 -19.29
CA SER B 25 7.07 20.79 -20.38
C SER B 25 7.86 19.79 -21.22
N TYR B 26 7.31 18.59 -21.37
CA TYR B 26 7.87 17.54 -22.21
C TYR B 26 6.85 17.14 -23.27
N GLN B 27 7.32 16.56 -24.36
CA GLN B 27 6.46 16.06 -25.43
C GLN B 27 6.79 14.60 -25.68
N VAL B 28 5.78 13.75 -25.56
CA VAL B 28 5.94 12.31 -25.71
C VAL B 28 5.19 11.87 -26.96
N ASP B 29 5.84 11.07 -27.80
CA ASP B 29 5.17 10.43 -28.92
C ASP B 29 4.24 9.33 -28.42
N LEU B 30 2.96 9.46 -28.75
CA LEU B 30 1.95 8.55 -28.24
C LEU B 30 1.79 7.28 -29.06
N ASN B 31 2.47 7.17 -30.21
CA ASN B 31 2.39 5.95 -31.00
C ASN B 31 3.20 4.84 -30.36
N ASP B 32 4.44 5.13 -29.98
CA ASP B 32 5.28 4.16 -29.26
C ASP B 32 5.30 4.42 -27.75
N CYS B 33 4.14 4.32 -27.11
CA CYS B 33 4.04 4.50 -25.68
C CYS B 33 2.89 3.64 -25.17
N GLY B 34 2.89 3.39 -23.87
CA GLY B 34 1.84 2.62 -23.26
C GLY B 34 0.57 3.42 -23.08
N PRO B 35 -0.50 2.73 -22.71
CA PRO B 35 -1.80 3.40 -22.54
C PRO B 35 -1.99 4.10 -21.20
N MET B 36 -1.07 3.95 -20.25
CA MET B 36 -1.22 4.52 -18.92
C MET B 36 -0.30 5.72 -18.76
N VAL B 37 -0.46 6.42 -17.64
CA VAL B 37 0.34 7.62 -17.42
C VAL B 37 1.75 7.26 -16.95
N LEU B 38 1.89 6.20 -16.16
CA LEU B 38 3.21 5.77 -15.69
C LEU B 38 4.09 5.26 -16.83
N ASP B 39 3.50 4.80 -17.92
CA ASP B 39 4.29 4.42 -19.08
C ASP B 39 4.81 5.62 -19.85
N ALA B 40 4.27 6.81 -19.60
CA ALA B 40 4.79 8.02 -20.22
C ALA B 40 5.71 8.78 -19.29
N LEU B 41 5.64 8.54 -17.98
CA LEU B 41 6.60 9.11 -17.06
C LEU B 41 7.93 8.37 -17.11
N LEU B 42 7.89 7.07 -17.35
CA LEU B 42 9.10 6.27 -17.41
C LEU B 42 9.82 6.39 -18.75
N LYS B 43 9.26 7.09 -19.72
CA LYS B 43 9.96 7.31 -21.02
C LYS B 43 10.65 8.67 -20.95
N ILE B 44 10.07 9.64 -20.26
CA ILE B 44 10.74 10.91 -20.04
C ILE B 44 12.01 10.71 -19.22
N LYS B 45 12.00 9.75 -18.30
CA LYS B 45 13.19 9.48 -17.50
C LYS B 45 14.26 8.71 -18.27
N ASP B 46 13.88 7.84 -19.21
CA ASP B 46 14.87 7.03 -19.90
C ASP B 46 15.43 7.66 -21.16
N GLU B 47 14.58 8.26 -22.01
CA GLU B 47 15.02 8.77 -23.29
C GLU B 47 15.16 10.29 -23.33
N GLN B 48 15.01 10.95 -22.20
CA GLN B 48 15.02 12.40 -22.07
C GLN B 48 15.61 12.71 -20.70
N ASP B 49 15.31 13.87 -20.15
CA ASP B 49 15.77 14.31 -18.84
C ASP B 49 15.58 13.27 -17.75
N SER B 50 16.70 12.77 -17.21
CA SER B 50 16.70 11.61 -16.32
C SER B 50 16.82 12.00 -14.86
N THR B 51 16.53 13.24 -14.51
CA THR B 51 16.55 13.68 -13.12
C THR B 51 15.15 13.75 -12.52
N LEU B 52 14.14 13.23 -13.21
CA LEU B 52 12.78 13.25 -12.73
C LEU B 52 12.56 12.09 -11.76
N THR B 53 12.22 12.40 -10.51
CA THR B 53 12.13 11.40 -9.46
C THR B 53 10.68 11.22 -9.02
N PHE B 54 10.28 9.96 -8.84
CA PHE B 54 8.94 9.58 -8.37
C PHE B 54 9.01 8.15 -7.87
N ARG B 55 7.95 7.72 -7.21
CA ARG B 55 7.85 6.38 -6.63
C ARG B 55 7.01 5.47 -7.50
N ARG B 56 7.42 4.21 -7.62
CA ARG B 56 6.69 3.19 -8.35
C ARG B 56 7.19 1.82 -7.91
N SER B 57 6.41 0.76 -8.08
CA SER B 57 6.89 -0.63 -7.77
C SER B 57 6.21 -1.71 -8.61
N CYS B 58 4.90 -1.93 -8.54
CA CYS B 58 4.19 -3.06 -9.19
C CYS B 58 3.51 -2.78 -10.52
N ARG B 59 3.24 -1.55 -10.90
CA ARG B 59 2.46 -1.21 -12.09
C ARG B 59 1.09 -1.91 -12.22
N GLU B 60 0.48 -2.33 -11.12
CA GLU B 60 -0.82 -2.98 -11.14
C GLU B 60 -1.91 -2.23 -10.38
N GLY B 61 -1.57 -1.57 -9.29
CA GLY B 61 -2.58 -0.85 -8.53
C GLY B 61 -2.99 -1.58 -7.28
N ILE B 62 -2.04 -2.20 -6.57
CA ILE B 62 -2.33 -2.95 -5.37
C ILE B 62 -1.43 -2.59 -4.20
N CYS B 63 -0.34 -1.86 -4.46
CA CYS B 63 0.57 -1.42 -3.36
C CYS B 63 0.23 0.01 -2.98
N GLY B 64 0.06 0.88 -3.98
CA GLY B 64 -0.28 2.27 -3.75
C GLY B 64 0.88 3.23 -3.65
N SER B 65 1.92 3.03 -4.46
CA SER B 65 3.13 3.84 -4.39
C SER B 65 3.08 5.09 -5.24
N CYS B 66 2.42 5.02 -6.40
CA CYS B 66 2.43 6.16 -7.36
C CYS B 66 1.20 7.05 -7.18
N ALA B 67 0.88 7.42 -5.94
CA ALA B 67 -0.22 8.34 -5.70
C ALA B 67 0.21 9.76 -6.02
N MET B 68 -0.51 10.41 -6.94
CA MET B 68 -0.27 11.80 -7.27
C MET B 68 -1.59 12.44 -7.67
N ASN B 69 -1.50 13.66 -8.19
CA ASN B 69 -2.66 14.47 -8.56
C ASN B 69 -2.59 14.75 -10.06
N ILE B 70 -3.30 13.95 -10.85
CA ILE B 70 -3.16 13.94 -12.30
C ILE B 70 -4.42 14.55 -12.90
N GLY B 71 -4.30 15.77 -13.42
CA GLY B 71 -5.39 16.41 -14.12
C GLY B 71 -6.47 17.01 -13.24
N GLY B 72 -6.23 17.11 -11.93
CA GLY B 72 -7.20 17.73 -11.05
C GLY B 72 -7.67 16.83 -9.94
N ARG B 73 -7.53 15.52 -10.10
CA ARG B 73 -8.02 14.56 -9.14
C ARG B 73 -6.90 13.63 -8.67
N ASN B 74 -7.08 13.07 -7.48
CA ASN B 74 -6.10 12.18 -6.87
C ASN B 74 -6.35 10.76 -7.37
N THR B 75 -5.34 10.17 -8.00
CA THR B 75 -5.44 8.80 -8.50
C THR B 75 -4.05 8.18 -8.56
N LEU B 76 -4.00 6.92 -8.97
CA LEU B 76 -2.76 6.19 -9.16
C LEU B 76 -2.34 6.25 -10.61
N ALA B 77 -1.04 6.46 -10.84
CA ALA B 77 -0.53 6.73 -12.18
C ALA B 77 -0.51 5.51 -13.10
N CYS B 78 -0.71 4.31 -12.60
CA CYS B 78 -0.63 3.07 -13.41
C CYS B 78 -2.03 2.59 -13.75
N ILE B 79 -3.06 3.35 -13.36
CA ILE B 79 -4.44 3.00 -13.69
C ILE B 79 -5.00 4.12 -14.56
N CYS B 80 -4.59 5.36 -14.29
CA CYS B 80 -5.05 6.51 -15.05
C CYS B 80 -4.60 6.42 -16.50
N LYS B 81 -5.57 6.53 -17.40
CA LYS B 81 -5.32 6.34 -18.85
C LYS B 81 -5.12 7.65 -19.61
N ILE B 82 -4.16 7.67 -20.51
CA ILE B 82 -3.86 8.84 -21.33
C ILE B 82 -4.99 9.05 -22.31
N ASP B 83 -5.58 10.25 -22.27
CA ASP B 83 -6.59 10.62 -23.24
C ASP B 83 -5.94 10.79 -24.60
N GLN B 84 -6.29 9.92 -25.55
CA GLN B 84 -5.65 9.88 -26.86
C GLN B 84 -6.18 11.02 -27.73
N ASN B 85 -5.76 12.23 -27.38
CA ASN B 85 -6.05 13.43 -28.13
C ASN B 85 -4.88 14.38 -27.91
N GLU B 86 -4.01 14.49 -28.91
CA GLU B 86 -2.78 15.26 -28.78
C GLU B 86 -2.99 16.77 -28.87
N SER B 87 -4.23 17.23 -29.04
CA SER B 87 -4.55 18.65 -29.04
C SER B 87 -4.68 19.22 -27.64
N LYS B 88 -4.76 18.37 -26.62
CA LYS B 88 -4.84 18.80 -25.23
C LYS B 88 -3.54 18.47 -24.51
N GLN B 89 -3.42 19.02 -23.30
CA GLN B 89 -2.20 18.87 -22.48
C GLN B 89 -2.58 18.22 -21.17
N LEU B 90 -1.62 17.96 -20.29
CA LEU B 90 -1.86 17.35 -18.99
C LEU B 90 -0.97 17.99 -17.95
N LYS B 91 -1.54 18.22 -16.76
CA LYS B 91 -0.80 18.79 -15.64
C LYS B 91 -0.71 17.78 -14.51
N ILE B 92 0.52 17.45 -14.12
CA ILE B 92 0.78 16.48 -13.08
C ILE B 92 1.38 17.23 -11.89
N TYR B 93 0.91 16.91 -10.69
CA TYR B 93 1.29 17.58 -9.45
C TYR B 93 1.59 16.52 -8.39
N PRO B 94 2.19 16.88 -7.24
CA PRO B 94 2.20 15.95 -6.10
C PRO B 94 0.85 15.91 -5.40
N LEU B 95 0.77 15.18 -4.29
CA LEU B 95 -0.45 15.18 -3.50
C LEU B 95 -0.61 16.54 -2.81
N PRO B 96 -1.83 17.06 -2.69
CA PRO B 96 -1.99 18.45 -2.25
C PRO B 96 -1.75 18.64 -0.75
N HIS B 97 -1.18 19.80 -0.42
CA HIS B 97 -0.90 20.29 0.94
C HIS B 97 0.04 19.36 1.71
N MET B 98 1.07 18.89 1.01
CA MET B 98 2.09 18.04 1.61
C MET B 98 3.45 18.69 1.43
N PHE B 99 4.32 18.52 2.43
CA PHE B 99 5.70 18.98 2.31
C PHE B 99 6.48 18.03 1.42
N ILE B 100 6.95 18.58 0.30
CA ILE B 100 7.60 17.77 -0.77
C ILE B 100 9.07 17.51 -0.45
N VAL B 101 9.57 16.33 -0.86
CA VAL B 101 10.99 16.06 -0.66
C VAL B 101 11.76 16.54 -1.88
N LYS B 102 11.57 15.93 -3.05
CA LYS B 102 12.25 16.40 -4.25
C LYS B 102 11.31 16.87 -5.36
N ASP B 103 10.62 15.98 -6.06
CA ASP B 103 9.89 16.40 -7.26
C ASP B 103 8.40 16.10 -7.18
N LEU B 104 8.04 14.82 -7.08
CA LEU B 104 6.67 14.38 -6.84
C LEU B 104 6.63 13.46 -5.64
N VAL B 105 7.56 13.64 -4.70
CA VAL B 105 7.73 12.73 -3.57
C VAL B 105 7.28 13.48 -2.31
N PRO B 106 6.11 13.19 -1.77
CA PRO B 106 5.69 13.87 -0.54
C PRO B 106 6.22 13.18 0.70
N ASP B 107 6.28 13.88 1.82
CA ASP B 107 6.86 13.36 3.06
C ASP B 107 5.70 12.80 3.89
N LEU B 108 5.52 11.49 3.83
CA LEU B 108 4.46 10.81 4.58
C LEU B 108 5.06 10.23 5.87
N THR B 109 5.53 11.08 6.76
CA THR B 109 6.07 10.60 8.02
C THR B 109 5.00 10.72 9.09
N ASN B 110 4.24 11.81 9.06
CA ASN B 110 3.11 12.00 9.95
C ASN B 110 2.00 11.01 9.69
N PHE B 111 1.85 10.55 8.45
CA PHE B 111 0.81 9.59 8.10
C PHE B 111 1.06 8.23 8.72
N TYR B 112 2.33 7.86 8.91
CA TYR B 112 2.67 6.57 9.51
C TYR B 112 2.67 6.60 11.02
N GLN B 113 2.83 7.78 11.62
CA GLN B 113 2.78 7.88 13.07
C GLN B 113 1.34 7.88 13.58
N GLN B 114 0.41 8.37 12.78
CA GLN B 114 -1.00 8.32 13.14
C GLN B 114 -1.61 6.95 12.95
N TYR B 115 -1.02 6.12 12.09
CA TYR B 115 -1.54 4.77 11.87
C TYR B 115 -1.07 3.81 12.96
N LYS B 116 0.07 4.08 13.56
CA LYS B 116 0.55 3.25 14.66
C LYS B 116 -0.25 3.44 15.93
N SER B 117 -0.95 4.57 16.06
CA SER B 117 -1.60 4.94 17.31
C SER B 117 -2.98 4.34 17.49
N ILE B 118 -3.56 3.71 16.45
CA ILE B 118 -4.88 3.11 16.58
C ILE B 118 -4.82 1.65 17.00
N GLN B 119 -3.61 1.10 17.22
CA GLN B 119 -3.33 -0.27 17.62
C GLN B 119 -3.96 -1.30 16.70
N PRO B 120 -3.41 -1.50 15.49
CA PRO B 120 -4.05 -2.42 14.53
C PRO B 120 -3.64 -3.88 14.70
N TYR B 121 -4.04 -4.47 15.83
CA TYR B 121 -3.80 -5.90 16.04
C TYR B 121 -4.89 -6.45 16.94
N LEU B 122 -5.06 -7.77 16.89
CA LEU B 122 -6.10 -8.43 17.66
C LEU B 122 -5.76 -8.43 19.13
N GLN B 123 -6.77 -8.22 19.98
CA GLN B 123 -6.55 -8.03 21.40
C GLN B 123 -7.48 -8.92 22.22
N ARG B 124 -7.49 -10.21 21.91
CA ARG B 124 -8.20 -11.18 22.74
C ARG B 124 -7.48 -11.42 24.07
N SER B 125 -8.07 -12.30 24.87
CA SER B 125 -7.44 -12.73 26.11
C SER B 125 -7.50 -14.24 26.33
N SER B 126 -8.23 -14.98 25.49
CA SER B 126 -8.31 -16.42 25.66
C SER B 126 -8.44 -17.08 24.30
N PHE B 127 -7.99 -18.32 24.23
CA PHE B 127 -7.94 -19.10 23.00
C PHE B 127 -8.41 -20.51 23.34
N PRO B 128 -8.90 -21.28 22.36
CA PRO B 128 -9.44 -22.61 22.64
C PRO B 128 -8.40 -23.59 23.21
N LYS B 129 -8.92 -24.65 23.80
CA LYS B 129 -8.12 -25.54 24.63
C LYS B 129 -7.51 -26.70 23.85
N ASP B 130 -8.10 -27.06 22.72
CA ASP B 130 -7.57 -28.16 21.92
C ASP B 130 -6.53 -27.73 20.90
N GLY B 131 -6.33 -26.44 20.69
CA GLY B 131 -5.38 -25.96 19.70
C GLY B 131 -5.96 -25.72 18.33
N THR B 132 -7.22 -25.38 18.22
CA THR B 132 -7.87 -25.11 16.95
C THR B 132 -8.15 -23.60 16.89
N GLU B 133 -8.53 -23.11 15.71
CA GLU B 133 -8.76 -21.69 15.51
C GLU B 133 -10.03 -21.23 16.23
N VAL B 134 -10.12 -19.92 16.43
CA VAL B 134 -11.29 -19.33 17.08
C VAL B 134 -12.40 -19.14 16.05
N LEU B 135 -13.62 -19.52 16.42
CA LEU B 135 -14.72 -19.64 15.47
C LEU B 135 -15.29 -18.27 15.10
N GLN B 136 -15.84 -18.20 13.89
CA GLN B 136 -16.53 -17.02 13.41
C GLN B 136 -17.53 -17.48 12.37
N SER B 137 -18.71 -16.85 12.35
CA SER B 137 -19.77 -17.28 11.44
C SER B 137 -19.51 -16.74 10.03
N ILE B 138 -20.44 -17.04 9.12
CA ILE B 138 -20.34 -16.49 7.78
C ILE B 138 -20.97 -15.11 7.73
N GLU B 139 -22.02 -14.87 8.52
CA GLU B 139 -22.65 -13.56 8.54
C GLU B 139 -21.86 -12.53 9.33
N ASP B 140 -20.92 -12.96 10.18
CA ASP B 140 -20.03 -12.03 10.85
C ASP B 140 -18.76 -11.76 10.05
N ARG B 141 -18.34 -12.72 9.24
CA ARG B 141 -17.23 -12.49 8.32
C ARG B 141 -17.65 -11.53 7.20
N LYS B 142 -18.94 -11.54 6.84
CA LYS B 142 -19.46 -10.65 5.82
C LYS B 142 -19.44 -9.19 6.27
N LYS B 143 -19.38 -8.94 7.58
CA LYS B 143 -19.31 -7.57 8.10
C LYS B 143 -17.98 -6.90 7.76
N LEU B 144 -16.94 -7.67 7.48
CA LEU B 144 -15.62 -7.14 7.21
C LEU B 144 -15.37 -6.84 5.74
N ASP B 145 -16.33 -7.10 4.86
CA ASP B 145 -16.11 -6.92 3.44
C ASP B 145 -16.14 -5.45 3.08
N GLY B 146 -15.16 -5.02 2.29
CA GLY B 146 -15.03 -3.63 1.92
C GLY B 146 -14.26 -2.78 2.89
N LEU B 147 -13.64 -3.36 3.90
CA LEU B 147 -12.88 -2.61 4.90
C LEU B 147 -11.44 -3.04 5.04
N TYR B 148 -11.13 -4.33 4.98
CA TYR B 148 -9.77 -4.81 5.19
C TYR B 148 -8.89 -4.64 3.96
N GLU B 149 -9.46 -4.26 2.83
CA GLU B 149 -8.76 -4.22 1.55
C GLU B 149 -8.40 -2.81 1.12
N CYS B 150 -8.03 -1.96 2.08
CA CYS B 150 -7.50 -0.60 1.81
C CYS B 150 -6.00 -0.79 1.61
N ILE B 151 -5.39 -0.12 0.64
CA ILE B 151 -3.97 -0.28 0.30
C ILE B 151 -3.10 0.82 0.87
N LEU B 152 -3.67 1.75 1.64
CA LEU B 152 -2.97 2.87 2.30
C LEU B 152 -2.20 3.73 1.31
N CYS B 153 -2.94 4.35 0.39
CA CYS B 153 -2.35 5.23 -0.61
C CYS B 153 -2.45 6.71 -0.23
N ALA B 154 -3.29 7.05 0.76
CA ALA B 154 -3.54 8.41 1.24
C ALA B 154 -4.06 9.33 0.14
N CYS B 155 -4.80 8.79 -0.83
CA CYS B 155 -5.48 9.62 -1.81
C CYS B 155 -6.79 10.18 -1.28
N CYS B 156 -7.27 9.69 -0.16
CA CYS B 156 -8.53 10.18 0.43
C CYS B 156 -8.19 11.20 1.49
N SER B 157 -7.08 11.00 2.20
CA SER B 157 -6.71 11.93 3.25
C SER B 157 -6.29 13.28 2.67
N THR B 158 -5.54 13.26 1.58
CA THR B 158 -5.14 14.50 0.90
C THR B 158 -6.12 14.87 -0.19
N SER B 159 -7.40 14.85 0.17
CA SER B 159 -8.46 15.51 -0.56
C SER B 159 -9.48 16.07 0.40
N CYS B 160 -9.25 15.93 1.71
CA CYS B 160 -10.23 16.38 2.74
C CYS B 160 -9.84 17.74 3.32
N PRO B 161 -10.57 18.83 3.03
CA PRO B 161 -10.19 20.17 3.47
C PRO B 161 -10.05 20.33 4.99
N SER B 162 -10.51 19.37 5.77
CA SER B 162 -10.31 19.44 7.25
C SER B 162 -8.93 18.86 7.54
N TYR B 163 -8.41 18.02 6.64
CA TYR B 163 -7.06 17.48 6.76
C TYR B 163 -6.03 18.39 6.10
N TRP B 164 -6.46 19.39 5.34
CA TRP B 164 -5.48 20.32 4.78
C TRP B 164 -4.92 21.23 5.86
N TRP B 165 -5.81 21.68 6.73
CA TRP B 165 -5.43 22.67 7.77
C TRP B 165 -5.08 21.98 9.07
N ASN B 166 -5.97 21.14 9.57
CA ASN B 166 -5.79 20.40 10.82
C ASN B 166 -5.36 18.99 10.48
N GLN B 167 -4.05 18.77 10.32
CA GLN B 167 -3.57 17.42 10.11
C GLN B 167 -2.53 16.97 11.12
N GLU B 168 -2.09 17.84 12.01
CA GLU B 168 -1.26 17.39 13.10
C GLU B 168 -2.08 16.81 14.25
N GLN B 169 -3.40 16.96 14.22
CA GLN B 169 -4.27 16.44 15.26
C GLN B 169 -5.47 15.64 14.78
N TYR B 170 -5.96 15.85 13.55
CA TYR B 170 -7.07 15.10 13.00
C TYR B 170 -6.54 13.89 12.24
N LEU B 171 -7.20 12.74 12.42
CA LEU B 171 -6.62 11.47 11.98
C LEU B 171 -6.87 11.19 10.50
N GLY B 172 -7.79 11.89 9.86
CA GLY B 172 -8.01 11.71 8.44
C GLY B 172 -8.89 10.52 8.14
N PRO B 173 -9.42 10.46 6.91
CA PRO B 173 -10.38 9.38 6.59
C PRO B 173 -9.73 8.03 6.30
N ALA B 174 -8.40 7.95 6.22
CA ALA B 174 -7.76 6.68 5.90
C ALA B 174 -7.38 5.90 7.14
N VAL B 175 -7.08 6.60 8.24
CA VAL B 175 -6.83 5.96 9.52
C VAL B 175 -8.14 5.68 10.26
N LEU B 176 -9.15 6.51 10.04
CA LEU B 176 -10.42 6.31 10.74
C LEU B 176 -11.27 5.22 10.09
N MET B 177 -10.87 4.70 8.94
CA MET B 177 -11.55 3.52 8.41
C MET B 177 -10.94 2.24 8.95
N GLN B 178 -9.62 2.23 9.18
CA GLN B 178 -8.97 1.08 9.79
C GLN B 178 -9.24 0.99 11.28
N ALA B 179 -9.67 2.07 11.92
CA ALA B 179 -10.11 2.00 13.30
C ALA B 179 -11.49 1.40 13.41
N TYR B 180 -12.26 1.42 12.32
CA TYR B 180 -13.57 0.79 12.29
C TYR B 180 -13.49 -0.69 11.92
N ARG B 181 -12.40 -1.09 11.25
CA ARG B 181 -12.22 -2.49 10.87
C ARG B 181 -11.95 -3.35 12.10
N TRP B 182 -11.40 -2.76 13.15
CA TRP B 182 -11.10 -3.48 14.38
C TRP B 182 -12.18 -3.33 15.43
N LEU B 183 -13.10 -2.39 15.25
CA LEU B 183 -14.21 -2.19 16.18
C LEU B 183 -15.36 -3.15 15.93
N ILE B 184 -15.65 -3.49 14.69
CA ILE B 184 -16.74 -4.42 14.39
C ILE B 184 -16.24 -5.84 14.18
N ASP B 185 -14.98 -6.12 14.51
CA ASP B 185 -14.50 -7.49 14.44
C ASP B 185 -15.07 -8.28 15.60
N SER B 186 -15.60 -9.47 15.36
CA SER B 186 -16.29 -10.21 16.45
C SER B 186 -15.33 -11.00 17.32
N ARG B 187 -14.04 -11.00 17.01
CA ARG B 187 -13.03 -11.80 17.73
C ARG B 187 -12.19 -10.87 18.58
N ASP B 188 -12.31 -9.57 18.39
CA ASP B 188 -11.50 -8.55 19.11
C ASP B 188 -12.29 -8.08 20.31
N GLN B 189 -12.04 -8.65 21.49
CA GLN B 189 -12.64 -8.23 22.74
C GLN B 189 -11.82 -7.21 23.53
N ALA B 190 -11.61 -6.03 22.80
CA ALA B 190 -11.14 -4.79 23.42
C ALA B 190 -11.79 -3.66 22.62
N THR B 191 -12.96 -3.23 23.08
CA THR B 191 -13.81 -2.27 22.37
C THR B 191 -13.98 -0.97 23.13
N LYS B 192 -14.02 -1.03 24.46
CA LYS B 192 -14.22 0.16 25.27
C LYS B 192 -13.02 1.08 25.24
N THR B 193 -11.81 0.53 25.11
CA THR B 193 -10.62 1.37 25.10
C THR B 193 -10.29 1.86 23.69
N ARG B 194 -10.95 1.36 22.67
CA ARG B 194 -10.71 1.83 21.28
C ARG B 194 -11.67 2.97 20.97
N LYS B 195 -12.59 3.30 21.88
CA LYS B 195 -13.49 4.43 21.69
C LYS B 195 -13.19 5.55 22.68
N ALA B 196 -12.08 5.42 23.40
CA ALA B 196 -11.63 6.48 24.29
C ALA B 196 -10.49 7.29 23.72
N MET B 197 -9.91 6.89 22.59
CA MET B 197 -8.96 7.70 21.85
C MET B 197 -9.64 8.71 20.94
N LEU B 198 -10.94 8.58 20.72
CA LEU B 198 -11.66 9.36 19.72
C LEU B 198 -12.72 10.26 20.33
N ASN B 199 -12.82 10.32 21.66
CA ASN B 199 -13.88 11.04 22.35
C ASN B 199 -13.41 12.41 22.84
N ASN B 200 -12.59 13.10 22.06
CA ASN B 200 -12.10 14.42 22.39
C ASN B 200 -12.51 15.42 21.31
N SER B 201 -11.88 16.60 21.33
CA SER B 201 -12.29 17.70 20.46
C SER B 201 -12.03 17.40 18.99
N MET B 202 -10.78 17.16 18.60
CA MET B 202 -10.44 16.93 17.20
C MET B 202 -9.56 15.70 17.04
N SER B 203 -10.18 14.53 17.01
CA SER B 203 -9.52 13.33 16.50
C SER B 203 -10.46 12.65 15.54
N LEU B 204 -11.75 12.68 15.86
CA LEU B 204 -12.83 12.21 15.01
C LEU B 204 -13.77 13.32 14.60
N TYR B 205 -14.01 14.29 15.48
CA TYR B 205 -15.05 15.29 15.23
C TYR B 205 -14.51 16.50 14.49
N ARG B 206 -13.80 16.28 13.40
CA ARG B 206 -13.55 17.29 12.39
C ARG B 206 -14.12 16.86 11.05
N CYS B 207 -14.82 15.74 11.03
CA CYS B 207 -15.48 15.34 9.78
C CYS B 207 -16.77 16.13 9.69
N HIS B 208 -16.97 16.85 8.62
CA HIS B 208 -18.17 17.64 8.36
C HIS B 208 -19.00 17.10 7.21
N THR B 209 -18.71 15.88 6.76
CA THR B 209 -19.42 15.16 5.68
C THR B 209 -19.42 15.96 4.37
N ILE B 210 -18.22 16.21 3.85
CA ILE B 210 -18.04 16.90 2.54
C ILE B 210 -18.11 15.76 1.54
N MET B 211 -17.34 14.72 1.76
CA MET B 211 -17.35 13.47 0.98
C MET B 211 -16.47 13.51 -0.26
N ASN B 212 -15.30 14.12 -0.22
CA ASN B 212 -14.35 14.00 -1.34
C ASN B 212 -13.57 12.72 -1.08
N CYS B 213 -13.71 12.12 0.11
CA CYS B 213 -13.03 10.86 0.48
C CYS B 213 -13.59 9.69 -0.33
N THR B 214 -14.90 9.56 -0.44
CA THR B 214 -15.56 8.46 -1.16
C THR B 214 -15.54 8.73 -2.66
N ARG B 215 -15.34 9.99 -3.09
CA ARG B 215 -15.43 10.31 -4.50
C ARG B 215 -14.14 9.98 -5.24
N THR B 216 -12.99 10.06 -4.57
CA THR B 216 -11.70 9.98 -5.24
C THR B 216 -10.94 8.68 -4.97
N CYS B 217 -11.57 7.70 -4.31
CA CYS B 217 -10.89 6.46 -3.96
C CYS B 217 -10.69 5.61 -5.22
N PRO B 218 -9.46 5.24 -5.57
CA PRO B 218 -9.25 4.44 -6.79
C PRO B 218 -9.69 2.99 -6.67
N LYS B 219 -9.84 2.45 -5.47
CA LYS B 219 -10.24 1.06 -5.31
C LYS B 219 -11.75 0.89 -5.13
N GLY B 220 -12.49 1.98 -5.01
CA GLY B 220 -13.93 1.91 -4.92
C GLY B 220 -14.49 1.63 -3.54
N LEU B 221 -13.75 1.95 -2.50
CA LEU B 221 -14.22 1.76 -1.13
C LEU B 221 -14.91 3.03 -0.65
N ASN B 222 -15.50 2.96 0.54
CA ASN B 222 -16.35 4.02 1.08
C ASN B 222 -15.86 4.45 2.46
N PRO B 223 -14.85 5.30 2.53
CA PRO B 223 -14.40 5.80 3.84
C PRO B 223 -15.23 6.92 4.43
N GLY B 224 -16.29 7.36 3.78
CA GLY B 224 -17.10 8.43 4.31
C GLY B 224 -18.31 7.92 5.05
N LEU B 225 -18.70 6.68 4.75
CA LEU B 225 -19.77 6.02 5.49
C LEU B 225 -19.23 5.34 6.74
N ALA B 226 -17.94 4.98 6.75
CA ALA B 226 -17.37 4.34 7.92
C ALA B 226 -17.12 5.32 9.05
N ILE B 227 -17.08 6.62 8.75
CA ILE B 227 -16.97 7.61 9.82
C ILE B 227 -18.34 7.95 10.38
N ALA B 228 -19.40 7.72 9.60
CA ALA B 228 -20.74 7.97 10.09
C ALA B 228 -21.22 6.92 11.07
N GLU B 229 -20.56 5.76 11.12
CA GLU B 229 -20.94 4.71 12.05
C GLU B 229 -20.10 4.71 13.32
N ILE B 230 -18.94 5.37 13.32
CA ILE B 230 -18.22 5.55 14.56
C ILE B 230 -18.90 6.61 15.41
N LYS B 231 -19.38 7.69 14.77
CA LYS B 231 -20.12 8.72 15.47
C LYS B 231 -21.43 8.20 16.03
N LYS B 232 -22.05 7.26 15.33
CA LYS B 232 -23.31 6.67 15.76
C LYS B 232 -23.10 5.60 16.82
N SER B 233 -21.86 5.15 17.01
CA SER B 233 -21.55 4.15 18.02
C SER B 233 -21.01 4.76 19.31
N LEU B 234 -20.51 5.99 19.24
CA LEU B 234 -20.09 6.71 20.44
C LEU B 234 -21.24 7.41 21.12
N ALA B 235 -22.40 7.48 20.47
CA ALA B 235 -23.60 8.04 21.08
C ALA B 235 -24.44 6.96 21.77
N MET C 1 26.03 4.03 22.14
CA MET C 1 25.53 4.37 20.82
C MET C 1 24.02 4.20 20.75
N ASN C 2 23.47 4.48 19.55
CA ASN C 2 22.06 4.49 19.15
C ASN C 2 21.26 5.62 19.80
N THR C 3 21.85 6.39 20.72
CA THR C 3 21.29 7.65 21.19
C THR C 3 22.18 8.83 20.83
N LYS C 4 23.47 8.61 20.68
CA LYS C 4 24.38 9.56 20.06
C LYS C 4 24.24 9.57 18.54
N ALA C 5 23.81 8.45 17.96
CA ALA C 5 23.54 8.33 16.54
C ALA C 5 22.12 8.72 16.15
N ALA C 6 21.29 9.10 17.13
CA ALA C 6 19.97 9.62 16.84
C ALA C 6 19.90 11.13 16.97
N ILE C 7 20.76 11.72 17.81
CA ILE C 7 20.87 13.17 17.91
C ILE C 7 21.61 13.73 16.69
N ALA C 8 22.65 13.02 16.25
CA ALA C 8 23.47 13.51 15.13
C ALA C 8 22.72 13.44 13.81
N GLU C 9 21.78 12.51 13.67
CA GLU C 9 21.04 12.37 12.42
C GLU C 9 19.81 13.25 12.41
N GLU C 10 19.35 13.71 13.58
CA GLU C 10 18.21 14.62 13.63
C GLU C 10 18.66 16.08 13.59
N GLN C 11 19.97 16.32 13.60
CA GLN C 11 20.43 17.70 13.47
C GLN C 11 20.46 18.12 12.01
N ILE C 12 20.84 17.21 11.11
CA ILE C 12 20.91 17.58 9.71
C ILE C 12 19.59 17.30 9.00
N LEU C 13 18.68 16.58 9.66
CA LEU C 13 17.36 16.36 9.09
C LEU C 13 16.35 17.41 9.54
N ASN C 14 16.54 18.02 10.71
CA ASN C 14 15.72 19.16 11.09
C ASN C 14 16.19 20.42 10.40
N LYS C 15 17.38 20.38 9.79
CA LYS C 15 17.86 21.51 9.00
C LYS C 15 17.34 21.46 7.57
N GLN C 16 17.19 20.26 7.01
CA GLN C 16 16.64 20.13 5.67
C GLN C 16 15.13 20.20 5.65
N ARG C 17 14.49 19.93 6.79
CA ARG C 17 13.03 19.97 6.87
C ARG C 17 12.50 21.40 6.83
N ALA C 18 13.32 22.39 7.17
CA ALA C 18 12.86 23.77 7.24
C ALA C 18 12.87 24.48 5.90
N ARG C 19 13.35 23.85 4.85
CA ARG C 19 13.45 24.55 3.55
C ARG C 19 12.60 23.84 2.50
N ARG C 20 11.67 22.97 2.89
CA ARG C 20 10.78 22.31 1.96
C ARG C 20 9.52 23.14 1.74
N PRO C 21 8.98 23.18 0.54
CA PRO C 21 7.74 23.91 0.29
C PRO C 21 6.51 23.04 0.49
N ILE C 22 5.35 23.68 0.40
CA ILE C 22 4.06 23.00 0.48
C ILE C 22 3.49 22.95 -0.92
N SER C 23 2.93 21.80 -1.30
CA SER C 23 2.34 21.66 -2.61
C SER C 23 0.96 22.31 -2.65
N PRO C 24 0.53 22.85 -3.80
CA PRO C 24 -0.72 23.61 -3.84
C PRO C 24 -1.96 22.73 -3.70
N HIS C 25 -2.96 23.26 -3.00
CA HIS C 25 -4.14 22.50 -2.61
C HIS C 25 -5.41 23.02 -3.27
N LEU C 26 -5.76 24.27 -3.05
CA LEU C 26 -6.74 24.95 -3.88
C LEU C 26 -6.02 25.43 -5.13
N THR C 27 -6.78 25.99 -6.07
CA THR C 27 -6.35 26.54 -7.35
C THR C 27 -5.75 25.49 -8.30
N ILE C 28 -5.68 24.22 -7.91
CA ILE C 28 -5.26 23.15 -8.81
C ILE C 28 -6.31 22.05 -8.78
N TYR C 29 -7.17 22.03 -7.76
CA TYR C 29 -8.09 20.92 -7.59
C TYR C 29 -9.29 21.06 -8.51
N GLN C 30 -9.92 19.92 -8.79
CA GLN C 30 -11.02 19.89 -9.73
C GLN C 30 -12.32 20.33 -9.04
N PRO C 31 -13.10 21.21 -9.66
CA PRO C 31 -14.39 21.61 -9.09
C PRO C 31 -15.41 20.47 -9.20
N GLN C 32 -15.93 20.05 -8.06
CA GLN C 32 -16.88 18.95 -7.97
C GLN C 32 -18.11 19.39 -7.19
N LEU C 33 -19.14 18.54 -7.19
CA LEU C 33 -20.38 18.87 -6.51
C LEU C 33 -20.31 18.53 -5.04
N THR C 34 -19.23 17.87 -4.59
CA THR C 34 -19.14 17.48 -3.19
C THR C 34 -18.62 18.60 -2.31
N TRP C 35 -17.69 19.42 -2.81
CA TRP C 35 -17.18 20.52 -1.99
C TRP C 35 -17.60 21.90 -2.49
N TYR C 36 -18.40 21.98 -3.55
CA TYR C 36 -18.99 23.26 -3.94
C TYR C 36 -20.35 23.44 -3.28
N LEU C 37 -21.12 22.37 -3.17
CA LEU C 37 -22.40 22.41 -2.48
C LEU C 37 -22.27 22.32 -0.97
N SER C 38 -21.06 22.15 -0.46
CA SER C 38 -20.81 22.13 0.96
C SER C 38 -20.21 23.43 1.49
N SER C 39 -19.63 24.24 0.63
CA SER C 39 -19.08 25.57 1.01
C SER C 39 -20.21 26.58 0.96
N PHE C 40 -21.33 26.26 0.32
CA PHE C 40 -22.52 27.16 0.29
C PHE C 40 -23.36 26.90 1.53
N HIS C 41 -23.02 25.91 2.34
CA HIS C 41 -23.72 25.67 3.58
C HIS C 41 -23.02 26.31 4.77
N ARG C 42 -21.74 26.62 4.64
CA ARG C 42 -21.04 27.41 5.65
C ARG C 42 -21.11 28.90 5.36
N ILE C 43 -21.06 29.30 4.09
CA ILE C 43 -21.15 30.71 3.72
C ILE C 43 -22.55 31.26 4.00
N SER C 44 -23.59 30.46 3.75
CA SER C 44 -24.96 30.95 3.86
C SER C 44 -25.39 31.19 5.29
N LEU C 45 -24.79 30.52 6.26
CA LEU C 45 -25.14 30.72 7.66
C LEU C 45 -24.28 31.77 8.34
N VAL C 46 -23.04 31.96 7.90
CA VAL C 46 -22.21 33.04 8.40
C VAL C 46 -22.76 34.40 7.96
N LEU C 47 -23.21 34.50 6.71
CA LEU C 47 -23.79 35.75 6.23
C LEU C 47 -25.17 35.99 6.81
N MET C 48 -25.85 34.94 7.28
CA MET C 48 -27.16 35.11 7.89
C MET C 48 -27.07 35.21 9.40
N GLY C 49 -26.12 34.52 10.02
CA GLY C 49 -25.98 34.59 11.46
C GLY C 49 -25.39 35.89 11.94
N LEU C 50 -24.65 36.60 11.08
CA LEU C 50 -24.16 37.92 11.44
C LEU C 50 -25.29 38.94 11.49
N GLY C 51 -26.26 38.84 10.58
CA GLY C 51 -27.39 39.74 10.61
C GLY C 51 -28.31 39.47 11.78
N PHE C 52 -28.43 38.22 12.19
CA PHE C 52 -29.24 37.88 13.35
C PHE C 52 -28.62 38.38 14.64
N TYR C 53 -27.29 38.34 14.76
CA TYR C 53 -26.61 38.84 15.95
C TYR C 53 -26.68 40.36 16.05
N LEU C 54 -26.38 41.06 14.95
CA LEU C 54 -26.30 42.52 14.94
C LEU C 54 -27.66 43.17 15.23
N PHE C 55 -28.75 42.52 14.88
CA PHE C 55 -30.08 43.05 15.15
C PHE C 55 -30.62 42.66 16.51
N THR C 56 -29.93 41.78 17.24
CA THR C 56 -30.28 41.50 18.62
C THR C 56 -29.28 42.06 19.61
N ILE C 57 -28.09 42.42 19.19
CA ILE C 57 -27.14 43.12 20.10
C ILE C 57 -27.47 44.60 20.00
N LEU C 58 -28.23 45.05 18.99
CA LEU C 58 -28.66 46.44 18.93
C LEU C 58 -29.83 46.72 19.86
N PHE C 59 -30.78 45.80 19.99
CA PHE C 59 -31.86 45.95 20.94
C PHE C 59 -31.42 45.67 22.38
N GLY C 60 -30.29 45.00 22.57
CA GLY C 60 -29.81 44.67 23.90
C GLY C 60 -28.70 45.59 24.38
N VAL C 61 -28.16 46.40 23.47
CA VAL C 61 -27.29 47.50 23.89
C VAL C 61 -28.12 48.72 24.26
N SER C 62 -29.19 49.00 23.50
CA SER C 62 -30.05 50.14 23.77
C SER C 62 -30.99 49.92 24.95
N GLY C 63 -30.92 48.78 25.62
CA GLY C 63 -31.67 48.59 26.86
C GLY C 63 -30.90 49.14 28.03
N LEU C 64 -29.60 48.84 28.09
CA LEU C 64 -28.76 49.32 29.18
C LEU C 64 -28.49 50.81 29.05
N LEU C 65 -27.82 51.21 27.98
CA LEU C 65 -27.55 52.61 27.71
C LEU C 65 -28.72 53.16 26.92
N GLY C 66 -29.84 53.39 27.62
CA GLY C 66 -31.16 53.54 27.04
C GLY C 66 -31.39 54.63 26.00
N LEU C 67 -31.67 54.22 24.77
CA LEU C 67 -32.05 55.13 23.71
C LEU C 67 -33.50 54.98 23.27
N GLY C 68 -34.15 53.86 23.63
CA GLY C 68 -35.54 53.65 23.28
C GLY C 68 -35.79 53.35 21.83
N LEU C 69 -35.32 52.19 21.36
CA LEU C 69 -35.55 51.75 20.00
C LEU C 69 -36.82 50.93 19.93
N THR C 70 -37.49 50.97 18.78
CA THR C 70 -38.71 50.24 18.53
C THR C 70 -38.62 49.66 17.13
N THR C 71 -39.36 48.57 16.89
CA THR C 71 -39.36 47.90 15.60
C THR C 71 -39.85 48.79 14.46
N GLU C 72 -40.88 49.60 14.68
CA GLU C 72 -41.31 50.53 13.65
C GLU C 72 -40.44 51.78 13.57
N LYS C 73 -39.46 51.89 14.47
CA LYS C 73 -38.56 53.07 14.46
C LYS C 73 -37.34 52.76 13.61
N VAL C 74 -36.88 51.51 13.60
CA VAL C 74 -35.74 51.12 12.78
C VAL C 74 -36.19 50.75 11.38
N SER C 75 -37.47 50.40 11.21
CA SER C 75 -37.98 50.01 9.90
C SER C 75 -38.05 51.18 8.92
N ASN C 76 -38.27 52.40 9.41
CA ASN C 76 -38.23 53.56 8.52
C ASN C 76 -36.80 53.91 8.15
N TRP C 77 -35.87 53.73 9.09
CA TRP C 77 -34.46 54.11 8.82
C TRP C 77 -33.85 53.15 7.78
N TYR C 78 -34.26 51.87 7.79
CA TYR C 78 -33.78 50.94 6.78
C TYR C 78 -34.52 51.08 5.46
N HIS C 79 -35.82 51.34 5.49
CA HIS C 79 -36.60 51.43 4.24
C HIS C 79 -36.17 52.72 3.58
N GLN C 80 -36.13 53.82 4.31
CA GLN C 80 -35.81 55.14 3.68
C GLN C 80 -34.32 55.29 3.38
N LYS C 81 -33.47 54.40 3.86
CA LYS C 81 -32.00 54.54 3.73
C LYS C 81 -31.48 54.11 2.36
N PHE C 82 -32.05 53.08 1.74
CA PHE C 82 -31.46 52.54 0.48
C PHE C 82 -32.33 52.89 -0.74
N SER C 83 -31.72 53.11 -1.93
CA SER C 83 -32.52 53.39 -3.11
C SER C 83 -33.25 52.13 -3.57
N LYS C 84 -34.12 52.30 -4.55
CA LYS C 84 -34.96 51.19 -5.04
C LYS C 84 -34.11 50.11 -5.72
N ILE C 85 -33.00 50.50 -6.34
CA ILE C 85 -32.20 49.54 -7.09
C ILE C 85 -31.28 48.73 -6.17
N THR C 86 -31.10 49.14 -4.91
CA THR C 86 -30.37 48.32 -3.96
C THR C 86 -31.27 47.71 -2.89
N GLU C 87 -32.56 48.06 -2.88
CA GLU C 87 -33.49 47.36 -2.01
C GLU C 87 -33.72 45.94 -2.48
N TRP C 88 -33.56 45.68 -3.78
CA TRP C 88 -33.79 44.35 -4.33
C TRP C 88 -32.50 43.60 -4.61
N SER C 89 -31.34 44.22 -4.40
CA SER C 89 -30.11 43.46 -4.47
C SER C 89 -29.76 42.86 -3.12
N ILE C 90 -30.32 43.43 -2.04
CA ILE C 90 -30.14 42.85 -0.72
C ILE C 90 -31.16 41.74 -0.47
N LYS C 91 -32.43 42.00 -0.77
CA LYS C 91 -33.46 40.99 -0.51
C LYS C 91 -33.49 39.93 -1.59
N GLY C 92 -32.88 40.19 -2.75
CA GLY C 92 -32.80 39.17 -3.77
C GLY C 92 -31.70 38.16 -3.54
N SER C 93 -30.85 38.39 -2.55
CA SER C 93 -29.75 37.48 -2.27
C SER C 93 -29.85 36.88 -0.89
N PHE C 94 -30.87 37.27 -0.12
CA PHE C 94 -31.19 36.57 1.12
C PHE C 94 -32.28 35.53 0.94
N ALA C 95 -33.04 35.59 -0.15
CA ALA C 95 -34.06 34.58 -0.41
C ALA C 95 -33.44 33.28 -0.87
N TYR C 96 -32.35 33.36 -1.65
CA TYR C 96 -31.72 32.15 -2.16
C TYR C 96 -30.70 31.58 -1.20
N LEU C 97 -30.22 32.39 -0.24
CA LEU C 97 -29.37 31.86 0.81
C LEU C 97 -30.18 31.22 1.92
N PHE C 98 -31.47 31.52 2.01
CA PHE C 98 -32.34 30.87 2.98
C PHE C 98 -32.87 29.54 2.47
N ALA C 99 -33.11 29.43 1.17
CA ALA C 99 -33.60 28.18 0.61
C ALA C 99 -32.52 27.12 0.46
N ILE C 100 -31.25 27.52 0.34
CA ILE C 100 -30.15 26.55 0.25
C ILE C 100 -29.67 26.10 1.61
N HIS C 101 -30.06 26.80 2.68
CA HIS C 101 -29.74 26.35 4.02
C HIS C 101 -30.89 25.62 4.68
N TYR C 102 -32.13 25.96 4.32
CA TYR C 102 -33.27 25.19 4.82
C TYR C 102 -33.33 23.83 4.15
N GLY C 103 -33.04 23.75 2.85
CA GLY C 103 -33.06 22.48 2.16
C GLY C 103 -31.76 21.71 2.29
N GLY C 104 -30.70 22.36 2.77
CA GLY C 104 -29.47 21.65 3.03
C GLY C 104 -29.34 21.12 4.44
N ALA C 105 -30.19 21.59 5.36
CA ALA C 105 -30.19 21.07 6.71
C ALA C 105 -31.05 19.82 6.84
N ILE C 106 -31.96 19.59 5.89
CA ILE C 106 -32.66 18.32 5.85
C ILE C 106 -31.79 17.27 5.19
N ARG C 107 -30.85 17.68 4.34
CA ARG C 107 -29.91 16.76 3.74
C ARG C 107 -28.92 16.23 4.76
N HIS C 108 -28.66 16.99 5.82
CA HIS C 108 -27.73 16.56 6.86
C HIS C 108 -28.42 15.80 7.98
N LEU C 109 -29.72 15.94 8.14
CA LEU C 109 -30.46 15.13 9.12
C LEU C 109 -30.68 13.71 8.62
N ILE C 110 -30.56 13.49 7.30
CA ILE C 110 -30.55 12.13 6.78
C ILE C 110 -29.19 11.49 6.96
N TRP C 111 -28.11 12.27 6.86
CA TRP C 111 -26.76 11.75 6.87
C TRP C 111 -26.20 11.49 8.26
N ASP C 112 -26.97 11.71 9.32
CA ASP C 112 -26.54 11.31 10.65
C ASP C 112 -27.17 10.00 11.08
N THR C 113 -28.15 9.51 10.33
CA THR C 113 -28.66 8.15 10.49
C THR C 113 -27.96 7.18 9.53
N ALA C 114 -26.84 7.61 8.95
CA ALA C 114 -25.96 6.85 8.07
C ALA C 114 -26.64 6.35 6.80
N LYS C 115 -27.72 6.99 6.36
CA LYS C 115 -28.41 6.62 5.14
C LYS C 115 -28.04 7.59 4.03
N GLU C 116 -28.21 7.13 2.79
CA GLU C 116 -27.99 7.91 1.56
C GLU C 116 -26.55 8.40 1.45
N LEU C 117 -25.61 7.54 1.87
CA LEU C 117 -24.20 7.91 1.87
C LEU C 117 -23.37 7.16 0.84
N THR C 118 -23.99 6.46 -0.11
CA THR C 118 -23.27 5.97 -1.26
C THR C 118 -23.03 7.10 -2.25
N LEU C 119 -22.19 6.84 -3.25
CA LEU C 119 -21.92 7.87 -4.26
C LEU C 119 -23.12 8.07 -5.18
N LYS C 120 -23.99 7.07 -5.28
CA LYS C 120 -25.22 7.20 -6.05
C LYS C 120 -26.28 8.00 -5.30
N GLY C 121 -26.13 8.16 -3.99
CA GLY C 121 -27.11 8.85 -3.19
C GLY C 121 -26.65 10.22 -2.72
N VAL C 122 -25.33 10.46 -2.78
CA VAL C 122 -24.82 11.81 -2.55
C VAL C 122 -25.16 12.71 -3.72
N TYR C 123 -25.25 12.13 -4.93
CA TYR C 123 -25.51 12.93 -6.11
C TYR C 123 -26.99 13.12 -6.40
N ARG C 124 -27.87 12.25 -5.92
CA ARG C 124 -29.28 12.40 -6.24
C ARG C 124 -30.04 13.15 -5.16
N THR C 125 -29.44 13.33 -3.98
CA THR C 125 -29.97 14.27 -3.01
C THR C 125 -29.34 15.64 -3.15
N GLY C 126 -28.43 15.81 -4.11
CA GLY C 126 -27.82 17.09 -4.40
C GLY C 126 -28.42 17.70 -5.66
N TYR C 127 -29.14 16.88 -6.42
CA TYR C 127 -29.90 17.41 -7.55
C TYR C 127 -31.27 17.88 -7.13
N ALA C 128 -31.76 17.40 -5.98
CA ALA C 128 -32.96 17.96 -5.38
C ALA C 128 -32.69 19.28 -4.70
N LEU C 129 -31.49 19.48 -4.17
CA LEU C 129 -31.12 20.73 -3.51
C LEU C 129 -31.03 21.88 -4.48
N ILE C 130 -30.73 21.60 -5.75
CA ILE C 130 -30.64 22.70 -6.76
C ILE C 130 -32.03 22.90 -7.35
N GLY C 131 -32.97 21.96 -7.21
CA GLY C 131 -34.35 22.20 -7.60
C GLY C 131 -35.19 22.83 -6.50
N PHE C 132 -34.91 22.47 -5.24
CA PHE C 132 -35.62 23.07 -4.11
C PHE C 132 -35.24 24.54 -3.94
N THR C 133 -34.02 24.90 -4.28
CA THR C 133 -33.56 26.28 -4.08
C THR C 133 -34.14 27.22 -5.13
N ALA C 134 -34.29 26.77 -6.36
CA ALA C 134 -34.73 27.65 -7.43
C ALA C 134 -36.23 27.88 -7.44
N VAL C 135 -37.00 27.09 -6.69
CA VAL C 135 -38.44 27.27 -6.63
C VAL C 135 -38.88 27.97 -5.34
N LEU C 136 -38.34 27.58 -4.19
CA LEU C 136 -38.70 28.23 -2.94
C LEU C 136 -38.13 29.64 -2.87
N GLY C 137 -36.95 29.86 -3.45
CA GLY C 137 -36.34 31.18 -3.42
C GLY C 137 -37.03 32.20 -4.30
N THR C 138 -37.75 31.75 -5.32
CA THR C 138 -38.46 32.68 -6.20
C THR C 138 -39.87 32.95 -5.66
N TYR C 139 -40.46 31.97 -4.99
CA TYR C 139 -41.76 32.16 -4.36
C TYR C 139 -41.67 33.13 -3.18
N LEU C 140 -40.53 33.21 -2.50
CA LEU C 140 -40.38 34.12 -1.37
C LEU C 140 -40.26 35.58 -1.81
N LEU C 141 -39.96 35.85 -3.07
CA LEU C 141 -39.95 37.22 -3.55
C LEU C 141 -41.35 37.79 -3.75
N THR C 142 -42.32 36.93 -4.04
CA THR C 142 -43.68 37.40 -4.33
C THR C 142 -44.44 37.72 -3.05
N LEU C 143 -43.83 37.46 -1.89
CA LEU C 143 -44.42 37.82 -0.61
C LEU C 143 -43.93 39.19 -0.15
N LEU D 1 -2.31 38.82 14.19
CA LEU D 1 -2.19 37.96 15.36
C LEU D 1 -0.81 37.33 15.40
N PRO D 2 -0.15 37.30 16.56
CA PRO D 2 1.18 36.69 16.63
C PRO D 2 1.11 35.16 16.61
N VAL D 3 2.01 34.57 15.85
CA VAL D 3 2.02 33.14 15.54
C VAL D 3 3.13 32.47 16.34
N LEU D 4 2.80 31.39 17.05
CA LEU D 4 3.76 30.62 17.82
C LEU D 4 4.71 29.87 16.90
N PRO D 5 5.96 29.63 17.32
CA PRO D 5 6.91 28.88 16.49
C PRO D 5 6.50 27.42 16.34
N GLN D 6 6.51 26.93 15.11
CA GLN D 6 5.97 25.62 14.78
C GLN D 6 7.06 24.56 14.73
N LYS D 7 6.65 23.32 14.48
CA LYS D 7 7.59 22.24 14.28
C LYS D 7 8.30 22.41 12.94
N PRO D 8 9.59 22.10 12.85
CA PRO D 8 10.30 22.24 11.57
C PRO D 8 9.89 21.19 10.57
N GLY D 9 9.22 21.60 9.50
CA GLY D 9 8.79 20.69 8.45
C GLY D 9 7.48 20.00 8.73
N GLY D 10 6.85 20.27 9.85
CA GLY D 10 5.56 19.69 10.19
C GLY D 10 5.63 18.45 11.05
N VAL D 11 6.80 17.82 11.13
CA VAL D 11 6.94 16.54 11.83
C VAL D 11 8.21 16.61 12.67
N ARG D 12 8.29 15.71 13.65
CA ARG D 12 9.46 15.62 14.51
C ARG D 12 9.65 14.15 14.89
N GLY D 13 10.70 13.53 14.39
CA GLY D 13 11.10 12.22 14.82
C GLY D 13 11.13 11.21 13.69
N THR D 14 10.99 9.95 14.07
CA THR D 14 11.11 8.79 13.21
C THR D 14 9.71 8.21 12.98
N PRO D 15 9.48 7.50 11.87
CA PRO D 15 8.19 6.81 11.68
C PRO D 15 7.85 5.75 12.73
N ASN D 16 8.81 5.25 13.50
CA ASN D 16 8.49 4.33 14.58
C ASN D 16 8.26 5.03 15.91
N ASP D 17 7.92 6.32 15.89
CA ASP D 17 7.30 6.96 17.02
C ASP D 17 5.78 6.81 16.88
N ALA D 18 5.03 7.49 17.72
CA ALA D 18 3.58 7.38 17.68
C ALA D 18 2.94 8.69 18.09
N TYR D 19 1.70 8.89 17.64
CA TYR D 19 0.92 10.04 18.05
C TYR D 19 0.35 9.73 19.44
N VAL D 20 0.52 10.66 20.37
CA VAL D 20 -0.02 10.49 21.72
C VAL D 20 -1.37 11.16 21.82
N PRO D 21 -2.47 10.41 21.87
CA PRO D 21 -3.79 11.02 21.77
C PRO D 21 -4.18 11.73 23.05
N PRO D 22 -5.03 12.76 22.97
CA PRO D 22 -5.44 13.52 24.16
C PRO D 22 -6.31 12.69 25.08
N PRO D 23 -6.45 13.09 26.35
CA PRO D 23 -7.34 12.35 27.25
C PRO D 23 -8.81 12.54 26.88
N GLU D 24 -9.63 11.65 27.44
CA GLU D 24 -11.06 11.66 27.17
C GLU D 24 -11.72 12.88 27.81
N ASN D 25 -12.34 13.72 26.98
CA ASN D 25 -12.97 14.97 27.38
C ASN D 25 -14.34 15.10 26.74
N LYS D 26 -15.20 14.11 26.97
CA LYS D 26 -16.46 13.96 26.24
C LYS D 26 -17.50 15.07 26.47
N LEU D 27 -17.20 16.08 27.28
CA LEU D 27 -18.01 17.30 27.25
C LEU D 27 -17.71 18.13 26.01
N GLU D 28 -16.57 17.90 25.37
CA GLU D 28 -16.23 18.52 24.10
C GLU D 28 -16.32 17.53 22.94
N GLY D 29 -16.56 16.27 23.25
CA GLY D 29 -16.62 15.21 22.27
C GLY D 29 -18.04 14.77 21.99
N SER D 30 -18.47 13.70 22.64
CA SER D 30 -19.76 13.10 22.35
C SER D 30 -20.94 13.94 22.83
N TYR D 31 -20.79 14.69 23.94
CA TYR D 31 -21.91 15.47 24.43
C TYR D 31 -22.13 16.73 23.60
N HIS D 32 -21.07 17.23 22.97
CA HIS D 32 -21.22 18.33 22.03
C HIS D 32 -21.93 17.91 20.76
N TRP D 33 -21.85 16.62 20.40
CA TRP D 33 -22.60 16.10 19.26
C TRP D 33 -24.09 16.02 19.55
N TYR D 34 -24.47 15.91 20.83
CA TYR D 34 -25.89 15.85 21.18
C TYR D 34 -26.53 17.22 21.07
N MET D 35 -25.82 18.27 21.51
CA MET D 35 -26.38 19.60 21.47
C MET D 35 -26.53 20.14 20.05
N GLU D 36 -25.65 19.75 19.13
CA GLU D 36 -25.75 20.22 17.76
C GLU D 36 -26.87 19.53 16.98
N LYS D 37 -27.42 18.44 17.50
CA LYS D 37 -28.51 17.73 16.84
C LYS D 37 -29.87 17.99 17.48
N ILE D 38 -29.89 18.66 18.64
CA ILE D 38 -31.16 19.05 19.24
C ILE D 38 -31.59 20.40 18.71
N PHE D 39 -30.64 21.31 18.50
CA PHE D 39 -30.96 22.63 17.97
C PHE D 39 -31.35 22.56 16.51
N ALA D 40 -30.81 21.58 15.78
CA ALA D 40 -31.13 21.46 14.35
C ALA D 40 -32.45 20.72 14.14
N LEU D 41 -32.80 19.80 15.03
CA LEU D 41 -34.05 19.06 14.95
C LEU D 41 -35.25 19.87 15.41
N SER D 42 -35.04 21.06 15.98
CA SER D 42 -36.12 21.90 16.43
C SER D 42 -36.11 23.29 15.84
N VAL D 43 -35.34 23.52 14.78
CA VAL D 43 -35.42 24.78 14.04
C VAL D 43 -35.91 24.52 12.62
N VAL D 44 -35.89 23.26 12.19
CA VAL D 44 -36.45 22.84 10.91
C VAL D 44 -37.98 22.68 10.99
N PRO D 45 -38.58 22.05 12.02
CA PRO D 45 -40.06 22.09 12.07
C PRO D 45 -40.62 23.44 12.49
N LEU D 46 -39.93 24.20 13.32
CA LEU D 46 -40.48 25.48 13.77
C LEU D 46 -40.41 26.56 12.70
N ALA D 47 -39.45 26.50 11.77
CA ALA D 47 -39.44 27.45 10.67
C ALA D 47 -40.44 27.07 9.59
N THR D 48 -40.83 25.81 9.52
CA THR D 48 -41.84 25.40 8.56
C THR D 48 -43.22 25.88 8.97
N THR D 49 -43.47 25.99 10.29
CA THR D 49 -44.70 26.63 10.76
C THR D 49 -44.49 28.12 11.01
N ALA D 50 -43.82 28.75 10.06
CA ALA D 50 -43.72 30.20 10.00
C ALA D 50 -43.89 30.70 8.57
N MET D 51 -43.80 29.82 7.58
CA MET D 51 -44.21 30.10 6.22
C MET D 51 -45.65 29.73 5.95
N LEU D 52 -46.32 29.10 6.91
CA LEU D 52 -47.73 28.74 6.81
C LEU D 52 -48.57 29.48 7.85
N THR D 53 -48.11 30.62 8.33
CA THR D 53 -48.83 31.38 9.35
C THR D 53 -49.37 32.67 8.74
N THR D 54 -50.56 33.08 9.19
CA THR D 54 -51.28 34.21 8.62
C THR D 54 -50.59 35.55 8.92
N GLY D 55 -50.15 35.73 10.16
CA GLY D 55 -49.47 36.95 10.55
C GLY D 55 -48.24 36.68 11.37
N PRO D 56 -48.14 37.30 12.55
CA PRO D 56 -47.07 36.94 13.48
C PRO D 56 -47.49 35.82 14.41
N LEU D 57 -46.49 35.20 15.03
CA LEU D 57 -46.71 34.09 15.95
C LEU D 57 -47.05 34.61 17.34
N SER D 58 -47.54 33.70 18.19
CA SER D 58 -47.80 34.04 19.58
C SER D 58 -46.49 34.08 20.36
N THR D 59 -46.51 34.79 21.50
CA THR D 59 -45.29 34.98 22.28
C THR D 59 -44.86 33.69 23.02
N ALA D 60 -45.70 32.67 23.03
CA ALA D 60 -45.27 31.35 23.48
C ALA D 60 -44.58 30.59 22.35
N ALA D 61 -44.97 30.85 21.11
CA ALA D 61 -44.37 30.16 19.98
C ALA D 61 -43.25 30.94 19.33
N ASP D 62 -43.05 32.19 19.74
CA ASP D 62 -41.99 33.01 19.15
C ASP D 62 -40.76 33.10 20.04
N SER D 63 -40.93 33.01 21.36
CA SER D 63 -39.77 32.93 22.23
C SER D 63 -39.06 31.59 22.09
N PHE D 64 -39.82 30.51 21.87
CA PHE D 64 -39.21 29.20 21.69
C PHE D 64 -38.52 29.08 20.34
N PHE D 65 -38.92 29.88 19.36
CA PHE D 65 -38.19 29.91 18.10
C PHE D 65 -36.93 30.75 18.18
N SER D 66 -36.94 31.83 18.97
CA SER D 66 -35.80 32.74 19.00
C SER D 66 -34.66 32.21 19.87
N VAL D 67 -34.98 31.46 20.93
CA VAL D 67 -33.93 30.92 21.78
C VAL D 67 -33.29 29.71 21.10
N MET D 68 -34.06 28.98 20.31
CA MET D 68 -33.52 27.87 19.53
C MET D 68 -32.84 28.32 18.24
N LEU D 69 -32.93 29.60 17.89
CA LEU D 69 -32.13 30.13 16.78
C LEU D 69 -30.81 30.71 17.25
N LEU D 70 -30.71 31.09 18.53
CA LEU D 70 -29.46 31.62 19.03
C LEU D 70 -28.47 30.51 19.34
N GLY D 71 -28.95 29.39 19.89
CA GLY D 71 -28.07 28.26 20.13
C GLY D 71 -27.65 27.54 18.87
N TYR D 72 -28.50 27.56 17.85
CA TYR D 72 -28.13 26.98 16.56
C TYR D 72 -27.08 27.81 15.87
N CYS D 73 -27.09 29.12 16.06
CA CYS D 73 -26.10 30.03 15.49
C CYS D 73 -24.85 30.11 16.34
N TYR D 74 -24.94 29.85 17.64
CA TYR D 74 -23.76 29.79 18.49
C TYR D 74 -22.89 28.58 18.20
N MET D 75 -23.49 27.43 17.90
CA MET D 75 -22.74 26.20 17.73
C MET D 75 -22.02 26.11 16.40
N GLU D 76 -22.34 26.96 15.42
CA GLU D 76 -21.58 27.03 14.19
C GLU D 76 -20.50 28.09 14.23
N PHE D 77 -20.72 29.20 14.94
CA PHE D 77 -19.63 30.13 15.19
C PHE D 77 -18.59 29.53 16.12
N ASN D 78 -19.00 28.62 17.00
CA ASN D 78 -18.06 27.87 17.83
C ASN D 78 -17.22 26.93 16.99
N SER D 79 -17.77 26.42 15.90
CA SER D 79 -17.04 25.43 15.10
C SER D 79 -16.22 26.07 13.99
N CYS D 80 -16.28 27.40 13.87
CA CYS D 80 -15.36 28.09 12.95
C CYS D 80 -14.17 28.67 13.70
N ILE D 81 -14.31 28.91 15.01
CA ILE D 81 -13.17 29.28 15.82
C ILE D 81 -12.18 28.11 15.91
N THR D 82 -12.69 26.92 16.16
CA THR D 82 -11.82 25.77 16.40
C THR D 82 -11.29 25.12 15.12
N ASP D 83 -11.63 25.63 13.94
CA ASP D 83 -10.99 25.22 12.71
C ASP D 83 -9.91 26.17 12.23
N TYR D 84 -10.08 27.46 12.47
CA TYR D 84 -9.23 28.49 11.90
C TYR D 84 -8.36 29.17 12.94
N ILE D 85 -8.89 29.46 14.12
CA ILE D 85 -8.10 30.06 15.21
C ILE D 85 -7.87 28.94 16.22
N SER D 86 -6.81 28.20 16.04
CA SER D 86 -6.54 27.04 16.87
C SER D 86 -5.47 27.36 17.91
N GLY D 87 -5.42 26.55 18.96
CA GLY D 87 -4.48 26.72 20.07
C GLY D 87 -3.09 26.22 19.72
N ARG D 88 -2.96 25.45 18.64
CA ARG D 88 -1.65 24.99 18.18
C ARG D 88 -0.82 26.13 17.65
N VAL D 89 -1.42 27.01 16.85
CA VAL D 89 -0.67 28.02 16.09
C VAL D 89 -0.85 29.43 16.68
N TYR D 90 -1.91 29.68 17.45
CA TYR D 90 -2.10 30.98 18.06
C TYR D 90 -2.02 30.99 19.58
N GLY D 91 -2.40 29.92 20.26
CA GLY D 91 -2.14 29.84 21.68
C GLY D 91 -3.16 30.50 22.57
N VAL D 92 -2.85 31.73 23.01
CA VAL D 92 -3.73 32.43 23.95
C VAL D 92 -4.97 32.95 23.23
N TRP D 93 -4.84 33.30 21.96
CA TRP D 93 -5.95 33.90 21.23
C TRP D 93 -6.96 32.88 20.73
N HIS D 94 -6.84 31.61 21.10
CA HIS D 94 -7.94 30.67 20.89
C HIS D 94 -8.97 30.80 21.99
N LYS D 95 -8.53 31.15 23.21
CA LYS D 95 -9.45 31.35 24.32
C LYS D 95 -10.03 32.75 24.38
N TYR D 96 -9.29 33.75 23.89
CA TYR D 96 -9.82 35.12 23.90
C TYR D 96 -10.83 35.32 22.79
N ALA D 97 -10.84 34.45 21.78
CA ALA D 97 -11.90 34.49 20.78
C ALA D 97 -13.13 33.73 21.26
N MET D 98 -12.99 32.93 22.31
CA MET D 98 -14.13 32.20 22.84
C MET D 98 -14.76 32.90 24.03
N TYR D 99 -14.11 33.94 24.56
CA TYR D 99 -14.72 34.77 25.58
C TYR D 99 -15.46 35.96 24.98
N MET D 100 -15.10 36.39 23.77
CA MET D 100 -15.88 37.39 23.06
C MET D 100 -17.01 36.79 22.25
N LEU D 101 -17.17 35.47 22.27
CA LEU D 101 -18.43 34.81 21.96
C LEU D 101 -19.25 34.57 23.22
N GLY D 102 -18.92 35.29 24.28
CA GLY D 102 -19.58 35.32 25.56
C GLY D 102 -20.50 36.51 25.62
N LEU D 103 -19.99 37.66 26.06
CA LEU D 103 -20.77 38.89 26.03
C LEU D 103 -20.86 39.54 24.66
N GLY D 104 -21.18 38.73 23.65
CA GLY D 104 -21.62 39.18 22.34
C GLY D 104 -22.75 38.26 21.96
N SER D 105 -22.99 37.31 22.86
CA SER D 105 -24.15 36.43 22.81
C SER D 105 -24.90 36.38 24.12
N ALA D 106 -24.46 37.11 25.14
CA ALA D 106 -25.27 37.30 26.35
C ALA D 106 -26.00 38.63 26.30
N VAL D 107 -25.49 39.58 25.51
CA VAL D 107 -26.26 40.79 25.18
C VAL D 107 -27.31 40.47 24.14
N SER D 108 -27.06 39.47 23.29
CA SER D 108 -28.05 39.05 22.31
C SER D 108 -29.28 38.45 22.97
N LEU D 109 -29.11 37.68 24.05
CA LEU D 109 -30.27 37.12 24.75
C LEU D 109 -31.04 38.21 25.50
N PHE D 110 -30.37 39.29 25.90
CA PHE D 110 -31.09 40.44 26.41
C PHE D 110 -31.82 41.17 25.31
N GLY D 111 -31.34 41.08 24.06
CA GLY D 111 -32.03 41.69 22.95
C GLY D 111 -33.23 40.91 22.46
N ILE D 112 -33.26 39.59 22.71
CA ILE D 112 -34.46 38.80 22.48
C ILE D 112 -35.56 39.23 23.44
N TYR D 113 -35.18 39.55 24.69
CA TYR D 113 -36.16 39.89 25.71
C TYR D 113 -36.81 41.25 25.45
N LYS D 114 -36.06 42.22 24.94
CA LYS D 114 -36.60 43.54 24.65
C LYS D 114 -37.23 43.64 23.28
N LEU D 115 -37.32 42.52 22.55
CA LEU D 115 -38.16 42.41 21.38
C LEU D 115 -39.47 41.74 21.67
N GLU D 116 -39.50 40.83 22.63
CA GLU D 116 -40.64 39.97 22.87
C GLU D 116 -41.68 40.60 23.79
N THR D 117 -41.25 41.44 24.74
CA THR D 117 -42.12 41.97 25.79
C THR D 117 -42.72 43.33 25.49
N GLU D 118 -42.11 44.10 24.58
CA GLU D 118 -42.69 45.38 24.19
C GLU D 118 -43.16 45.37 22.75
N ASN D 119 -42.30 44.97 21.84
CA ASN D 119 -42.66 44.78 20.45
C ASN D 119 -43.21 43.37 20.28
N ASP D 120 -43.30 42.87 19.05
CA ASP D 120 -43.75 41.50 18.84
C ASP D 120 -42.67 40.70 18.11
N GLY D 121 -42.02 39.81 18.84
CA GLY D 121 -41.16 38.76 18.30
C GLY D 121 -39.91 39.15 17.53
N VAL D 122 -39.15 38.15 17.11
CA VAL D 122 -38.12 38.36 16.09
C VAL D 122 -38.72 38.20 14.71
N VAL D 123 -39.65 37.26 14.54
CA VAL D 123 -40.35 37.08 13.27
C VAL D 123 -41.25 38.27 12.97
N GLY D 124 -41.71 38.99 14.00
CA GLY D 124 -42.45 40.22 13.76
C GLY D 124 -41.56 41.39 13.42
N LEU D 125 -40.24 41.22 13.50
CA LEU D 125 -39.32 42.25 13.02
C LEU D 125 -38.92 42.01 11.57
N VAL D 126 -38.66 40.75 11.20
CA VAL D 126 -38.22 40.45 9.86
C VAL D 126 -39.38 40.38 8.87
N LYS D 127 -40.60 40.05 9.32
CA LYS D 127 -41.76 40.11 8.42
C LYS D 127 -42.10 41.55 8.06
N SER D 128 -41.87 42.47 8.99
CA SER D 128 -42.09 43.88 8.69
C SER D 128 -40.87 44.52 8.03
N LEU D 129 -39.73 43.83 8.00
CA LEU D 129 -38.57 44.40 7.28
C LEU D 129 -38.78 44.08 5.81
N TRP D 130 -39.33 42.89 5.51
CA TRP D 130 -39.76 42.48 4.15
C TRP D 130 -38.85 41.39 3.59
N ASP D 131 -39.36 40.53 2.71
CA ASP D 131 -38.47 39.60 1.95
C ASP D 131 -39.32 38.63 1.15
PA FAD E . 9.67 -9.86 -1.03
O1A FAD E . 8.35 -9.75 -0.36
O2A FAD E . 9.75 -9.57 -2.47
O5B FAD E . 10.75 -8.97 -0.25
C5B FAD E . 10.91 -7.61 -0.69
C4B FAD E . 11.53 -6.77 0.39
O4B FAD E . 12.97 -6.71 0.21
C3B FAD E . 11.06 -5.31 0.43
O3B FAD E . 10.49 -4.98 1.69
C2B FAD E . 12.33 -4.48 0.20
O2B FAD E . 12.34 -3.34 1.01
C1B FAD E . 13.43 -5.45 0.61
N9A FAD E . 14.67 -5.19 -0.10
C8A FAD E . 15.04 -5.68 -1.30
N7A FAD E . 16.22 -5.27 -1.69
C5A FAD E . 16.65 -4.43 -0.66
C6A FAD E . 17.82 -3.68 -0.47
N6A FAD E . 18.82 -3.63 -1.35
N1A FAD E . 17.92 -2.95 0.67
C2A FAD E . 16.90 -3.01 1.54
N3A FAD E . 15.76 -3.67 1.46
C4A FAD E . 15.69 -4.37 0.33
N1 FAD E . 3.24 -17.66 -4.09
C2 FAD E . 2.26 -18.48 -3.70
O2 FAD E . 2.48 -19.35 -2.86
N3 FAD E . 1.03 -18.40 -4.19
C4 FAD E . 0.67 -17.48 -5.13
O4 FAD E . -0.47 -17.44 -5.55
C4X FAD E . 1.66 -16.59 -5.57
N5 FAD E . 1.35 -15.70 -6.48
C5X FAD E . 2.34 -14.84 -6.87
C6 FAD E . 2.03 -13.87 -7.84
C7 FAD E . 2.98 -12.97 -8.29
C7M FAD E . 2.62 -11.94 -9.31
C8 FAD E . 4.30 -13.04 -7.78
C8M FAD E . 5.36 -12.09 -8.25
C9 FAD E . 4.61 -14.00 -6.83
C9A FAD E . 3.65 -14.90 -6.36
N10 FAD E . 3.94 -15.88 -5.42
C10 FAD E . 2.96 -16.75 -4.99
C1' FAD E . 5.31 -15.98 -4.86
C2' FAD E . 5.44 -15.21 -3.57
O2' FAD E . 4.82 -13.95 -3.72
C3' FAD E . 6.91 -14.96 -3.21
O3' FAD E . 7.54 -16.20 -3.02
C4' FAD E . 7.06 -14.13 -1.93
O4' FAD E . 6.36 -12.90 -2.13
C5' FAD E . 8.51 -13.83 -1.58
O5' FAD E . 8.55 -13.11 -0.32
P FAD E . 9.94 -12.55 0.22
O1P FAD E . 9.78 -11.97 1.57
O2P FAD E . 10.98 -13.58 0.03
O3P FAD E . 10.22 -11.35 -0.81
FE1 FES F . 0.91 2.36 -9.02
FE2 FES F . 1.91 0.05 -7.14
S1 FES F . 2.78 1.16 -8.88
S2 FES F . -0.01 1.18 -7.36
FE1 SF4 G . -8.22 5.89 1.09
FE2 SF4 G . -7.62 3.29 1.30
FE3 SF4 G . -9.23 4.12 -0.68
FE4 SF4 G . -6.57 4.75 -0.65
S1 SF4 G . -7.49 2.70 -0.84
S2 SF4 G . -8.26 6.12 -1.13
S3 SF4 G . -6.21 5.03 1.52
S4 SF4 G . -9.67 4.20 1.50
FE1 F3S H . -15.18 14.23 6.32
FE3 F3S H . -13.23 15.06 4.73
FE4 F3S H . -14.56 12.88 4.10
S1 F3S H . -14.69 16.34 5.82
S2 F3S H . -16.64 13.22 4.88
S3 F3S H . -13.20 13.12 5.95
S4 F3S H . -13.81 14.42 2.62
N1 A1EKV I . -13.91 24.68 2.61
N3 A1EKV I . -15.56 22.59 6.40
C4 A1EKV I . -15.49 27.75 2.21
C5 A1EKV I . -16.12 28.61 3.08
C6 A1EKV I . -15.36 29.37 3.93
C7 A1EKV I . -13.98 29.29 3.93
C8 A1EKV I . -13.37 28.41 3.06
C10 A1EKV I . -14.79 23.95 4.79
C13 A1EKV I . -13.11 22.70 6.36
C15 A1EKV I . -14.94 23.98 1.89
C17 A1EKV I . -14.83 22.50 1.74
C1 A1EKV I . -12.91 25.41 1.84
C2 A1EKV I . -13.44 26.69 1.26
C3 A1EKV I . -14.11 27.63 2.19
CL1 A1EKV I . -11.64 28.33 3.07
CL2 A1EKV I . -16.14 30.47 5.03
C9 A1EKV I . -13.81 24.67 3.96
O1 A1EKV I . -12.89 25.27 4.52
C11 A1EKV I . -16.18 23.95 4.75
N2 A1EKV I . -16.60 23.13 5.72
C12 A1EKV I . -14.46 23.09 5.85
F1 A1EKV I . -12.25 23.73 6.20
F2 A1EKV I . -13.19 22.49 7.70
C14 A1EKV I . -17.97 22.79 6.07
F3 A1EKV I . -17.02 24.59 3.94
C16 A1EKV I . -14.58 23.38 0.57
C18 A1EKV I . -13.36 26.98 -0.02
C27 PEE J . -33.36 26.93 9.08
C26 PEE J . -32.47 28.13 8.81
C25 PEE J . -32.16 28.94 10.07
C24 PEE J . -31.85 30.41 9.74
C23 PEE J . -30.93 31.08 10.78
C22 PEE J . -30.83 32.60 10.58
C21 PEE J . -31.47 33.43 11.70
C20 PEE J . -32.64 34.30 11.16
C19 PEE J . -33.33 33.60 9.97
C18 PEE J . -34.67 33.73 9.77
C17 PEE J . -35.52 34.58 10.73
C16 PEE J . -36.99 34.08 10.74
C15 PEE J . -37.43 33.51 9.38
C14 PEE J . -38.88 33.93 9.03
C13 PEE J . -39.64 32.84 8.27
C12 PEE J . -40.14 33.34 6.88
C11 PEE J . -41.51 34.08 6.98
C10 PEE J . -42.24 34.11 5.60
O4 PEE J . -41.88 33.36 4.75
O2 PEE J . -43.30 35.01 5.36
C2 PEE J . -43.05 35.94 4.32
C1 PEE J . -44.28 36.80 4.05
O3P PEE J . -45.16 36.74 5.14
P PEE J . -46.57 35.89 4.97
O2P PEE J . -47.37 36.43 3.80
O1P PEE J . -47.40 36.04 6.24
O4P PEE J . -46.24 34.29 4.74
C4 PEE J . -47.32 33.38 4.72
C5 PEE J . -47.46 32.84 3.29
N PEE J . -48.76 32.22 3.11
C3 PEE J . -41.91 36.84 4.73
O3 PEE J . -40.92 36.73 3.74
C30 PEE J . -39.64 36.42 4.26
O5 PEE J . -39.28 36.87 5.27
C31 PEE J . -38.72 35.46 3.50
C32 PEE J . -37.85 34.63 4.45
C33 PEE J . -36.37 35.10 4.45
C34 PEE J . -36.04 35.95 5.69
C35 PEE J . -34.59 36.44 5.64
C36 PEE J . -33.64 35.30 5.24
C37 PEE J . -32.48 35.21 6.22
C38 PEE J . -32.65 36.20 7.38
C39 PEE J . -31.58 36.61 8.10
C40 PEE J . -31.82 37.61 9.26
C41 PEE J . -31.01 38.92 9.06
C42 PEE J . -31.72 40.10 9.76
C43 PEE J . -33.24 39.94 9.66
C44 PEE J . -33.97 40.43 10.93
C45 PEE J . -33.15 40.26 12.20
C46 PEE J . -33.79 39.29 13.18
C47 PEE J . -33.64 37.84 12.71
#